data_7ER3
#
_entry.id   7ER3
#
_cell.length_a   150.118
_cell.length_b   66.953
_cell.length_c   78.044
_cell.angle_alpha   90.000
_cell.angle_beta   111.740
_cell.angle_gamma   90.000
#
_symmetry.space_group_name_H-M   'C 1 2 1'
#
loop_
_entity.id
_entity.type
_entity.pdbx_description
1 polymer 'Major allergen beta-lactoglobulin'
2 non-polymer (4S)-N~4~-(7-chloroquinolin-4-yl)-N~1~,N~1~-diethylpentane-1,4-diamine
3 water water
#
_entity_poly.entity_id   1
_entity_poly.type   'polypeptide(L)'
_entity_poly.pdbx_seq_one_letter_code
;LIVTQTMKGLDIQKVAGTWYSLAMAASDISLLDAQSAPLRVYVEELKPTPEGDLEILLQKWENDECAQKKIIAEKTKIPA
VFKIDALNENKVLVLDTDYKKYLLFCMENSAEPEQSLVCQCLVRTPEVDDEALEKFDKALKALPMHIRLSFNPTQLEEQC
HI
;
_entity_poly.pdbx_strand_id   A,B,C,D
#
# COMPACT_ATOMS: atom_id res chain seq x y z
N LEU A 1 -21.53 -9.94 -4.74
CA LEU A 1 -20.92 -10.72 -3.62
C LEU A 1 -19.43 -11.14 -3.84
N ILE A 2 -18.62 -10.23 -4.37
CA ILE A 2 -17.19 -10.45 -4.51
C ILE A 2 -16.47 -9.15 -4.22
N VAL A 3 -17.03 -8.04 -4.78
CA VAL A 3 -16.58 -6.68 -4.51
C VAL A 3 -17.02 -6.30 -3.15
N THR A 4 -16.10 -6.26 -2.19
CA THR A 4 -16.38 -5.98 -0.81
C THR A 4 -16.32 -4.50 -0.47
N GLN A 5 -15.89 -3.64 -1.39
CA GLN A 5 -15.97 -2.20 -1.14
C GLN A 5 -17.12 -1.61 -1.94
N THR A 6 -17.56 -0.43 -1.49
CA THR A 6 -18.64 0.33 -2.09
C THR A 6 -18.78 1.57 -1.22
N MET A 7 -18.97 2.77 -1.77
CA MET A 7 -18.71 3.95 -0.97
C MET A 7 -19.94 4.47 -0.23
N LYS A 8 -19.80 4.63 1.08
CA LYS A 8 -20.80 5.32 1.85
C LYS A 8 -20.53 6.82 1.77
N GLY A 9 -21.49 7.53 1.19
CA GLY A 9 -21.50 8.97 1.09
C GLY A 9 -21.65 9.41 -0.35
N LEU A 10 -22.09 8.52 -1.22
CA LEU A 10 -22.13 8.81 -2.65
C LEU A 10 -23.18 9.86 -2.98
N ASP A 11 -22.73 11.08 -3.25
CA ASP A 11 -23.59 12.11 -3.80
C ASP A 11 -23.50 12.00 -5.32
N ILE A 12 -24.39 11.20 -5.89
CA ILE A 12 -24.34 10.91 -7.32
C ILE A 12 -24.28 12.15 -8.17
N GLN A 13 -25.08 13.15 -7.85
CA GLN A 13 -25.12 14.30 -8.73
C GLN A 13 -23.79 15.05 -8.73
N LYS A 14 -22.85 14.69 -7.83
CA LYS A 14 -21.49 15.21 -7.88
C LYS A 14 -20.56 14.42 -8.78
N VAL A 15 -20.98 13.26 -9.29
CA VAL A 15 -20.12 12.53 -10.21
C VAL A 15 -20.35 13.03 -11.64
N ALA A 16 -21.32 13.92 -11.84
CA ALA A 16 -21.68 14.36 -13.19
C ALA A 16 -20.48 14.93 -13.93
N GLY A 17 -20.56 14.87 -15.24
CA GLY A 17 -19.55 15.44 -16.09
C GLY A 17 -18.83 14.37 -16.90
N THR A 18 -17.68 14.76 -17.39
CA THR A 18 -16.88 13.89 -18.24
C THR A 18 -15.79 13.28 -17.41
N TRP A 19 -15.31 12.15 -17.93
CA TRP A 19 -14.21 11.39 -17.34
C TRP A 19 -13.43 10.76 -18.48
N TYR A 20 -12.27 10.24 -18.14
CA TYR A 20 -11.50 9.47 -19.11
C TYR A 20 -11.25 8.10 -18.51
N SER A 21 -11.41 7.05 -19.32
CA SER A 21 -10.97 5.68 -18.98
C SER A 21 -9.47 5.60 -19.08
N LEU A 22 -8.83 5.72 -17.92
CA LEU A 22 -7.39 5.78 -17.73
C LEU A 22 -6.77 4.39 -17.59
N ALA A 23 -7.41 3.54 -16.78
CA ALA A 23 -7.00 2.21 -16.42
C ALA A 23 -8.25 1.35 -16.23
N MET A 24 -8.08 0.03 -16.39
CA MET A 24 -9.20 -0.91 -16.29
C MET A 24 -8.64 -2.35 -16.18
N ALA A 25 -9.35 -3.17 -15.45
CA ALA A 25 -8.88 -4.47 -15.04
C ALA A 25 -10.03 -5.51 -15.00
N ALA A 26 -9.66 -6.79 -15.13
CA ALA A 26 -10.69 -7.80 -15.14
C ALA A 26 -10.16 -9.13 -14.65
N SER A 27 -11.12 -10.04 -14.40
CA SER A 27 -10.94 -11.34 -13.76
C SER A 27 -10.42 -12.41 -14.73
N ASP A 28 -10.98 -12.51 -15.92
CA ASP A 28 -10.30 -13.32 -16.91
C ASP A 28 -10.01 -12.41 -18.10
N ILE A 29 -9.20 -12.91 -19.01
CA ILE A 29 -8.46 -12.06 -19.92
C ILE A 29 -9.24 -11.84 -21.19
N SER A 30 -9.88 -12.88 -21.66
CA SER A 30 -10.73 -12.83 -22.84
C SER A 30 -11.66 -11.61 -22.85
N LEU A 31 -11.91 -11.01 -21.68
CA LEU A 31 -12.89 -9.94 -21.58
C LEU A 31 -12.39 -8.55 -22.02
N LEU A 32 -11.07 -8.30 -21.93
CA LEU A 32 -10.45 -7.04 -22.32
C LEU A 32 -9.30 -7.20 -23.32
N ASP A 33 -8.60 -8.35 -23.36
CA ASP A 33 -7.59 -8.66 -24.37
C ASP A 33 -7.54 -7.63 -25.48
N ALA A 34 -8.22 -7.86 -26.58
CA ALA A 34 -8.01 -6.95 -27.69
C ALA A 34 -8.99 -5.78 -27.61
N GLN A 35 -8.70 -4.72 -28.38
CA GLN A 35 -9.50 -3.51 -28.39
C GLN A 35 -11.00 -3.83 -28.49
N SER A 36 -11.30 -4.96 -29.13
CA SER A 36 -12.65 -5.37 -29.44
C SER A 36 -13.23 -6.33 -28.44
N ALA A 37 -12.53 -6.56 -27.33
CA ALA A 37 -13.03 -7.44 -26.29
C ALA A 37 -14.31 -6.86 -25.68
N PRO A 38 -15.11 -7.69 -25.08
CA PRO A 38 -16.42 -7.19 -24.71
C PRO A 38 -16.31 -6.02 -23.73
N LEU A 39 -15.74 -6.23 -22.52
CA LEU A 39 -15.76 -5.17 -21.51
C LEU A 39 -14.73 -4.14 -21.72
N ARG A 40 -14.12 -4.11 -22.91
CA ARG A 40 -13.25 -3.01 -23.29
C ARG A 40 -14.09 -1.81 -23.64
N VAL A 41 -14.39 -1.02 -22.65
CA VAL A 41 -15.26 0.14 -22.89
C VAL A 41 -14.72 1.40 -22.22
N TYR A 42 -14.98 2.54 -22.85
CA TYR A 42 -14.35 3.81 -22.44
C TYR A 42 -15.44 4.76 -22.01
N VAL A 43 -15.40 5.10 -20.74
CA VAL A 43 -16.37 5.98 -20.18
C VAL A 43 -16.02 7.39 -20.61
N GLU A 44 -16.99 8.07 -21.21
CA GLU A 44 -16.84 9.49 -21.52
C GLU A 44 -17.67 10.45 -20.67
N GLU A 45 -18.76 10.04 -20.05
CA GLU A 45 -19.41 11.04 -19.20
C GLU A 45 -20.50 10.45 -18.31
N LEU A 46 -20.71 11.11 -17.18
CA LEU A 46 -21.75 10.75 -16.24
C LEU A 46 -22.78 11.89 -16.17
N LYS A 47 -23.95 11.63 -16.72
CA LYS A 47 -25.13 12.41 -16.48
C LYS A 47 -25.94 11.75 -15.36
N PRO A 48 -25.80 12.17 -14.11
CA PRO A 48 -26.87 11.87 -13.13
C PRO A 48 -28.21 12.46 -13.57
N THR A 49 -29.28 11.63 -13.57
CA THR A 49 -30.62 12.02 -14.01
C THR A 49 -31.48 12.48 -12.84
N PRO A 50 -32.65 13.04 -13.13
CA PRO A 50 -33.47 13.54 -12.01
C PRO A 50 -34.04 12.44 -11.13
N GLU A 51 -34.38 11.29 -11.72
CA GLU A 51 -34.92 10.22 -10.89
C GLU A 51 -33.90 9.78 -9.86
N GLY A 52 -32.66 10.20 -10.02
CA GLY A 52 -31.58 9.71 -9.21
C GLY A 52 -30.80 8.62 -9.89
N ASP A 53 -31.22 8.18 -11.07
CA ASP A 53 -30.46 7.23 -11.84
C ASP A 53 -29.18 7.87 -12.37
N LEU A 54 -28.41 7.12 -13.13
CA LEU A 54 -27.25 7.69 -13.76
C LEU A 54 -27.21 7.21 -15.20
N GLU A 55 -27.25 8.13 -16.15
CA GLU A 55 -26.95 7.76 -17.52
C GLU A 55 -25.43 7.72 -17.72
N ILE A 56 -24.93 6.63 -18.30
CA ILE A 56 -23.52 6.42 -18.62
C ILE A 56 -23.34 6.49 -20.12
N LEU A 57 -22.29 7.20 -20.57
CA LEU A 57 -22.00 7.36 -21.98
C LEU A 57 -20.59 6.84 -22.29
N LEU A 58 -20.49 6.00 -23.30
CA LEU A 58 -19.23 5.30 -23.48
C LEU A 58 -19.04 4.85 -24.91
N GLN A 59 -17.79 4.83 -25.35
CA GLN A 59 -17.42 4.39 -26.67
C GLN A 59 -16.91 2.97 -26.52
N LYS A 60 -16.93 2.24 -27.64
CA LYS A 60 -16.55 0.84 -27.64
C LYS A 60 -16.20 0.39 -29.05
N TRP A 61 -15.14 -0.37 -29.17
CA TRP A 61 -14.76 -0.84 -30.48
C TRP A 61 -15.59 -2.09 -30.80
N GLU A 62 -16.30 -2.06 -31.92
CA GLU A 62 -17.02 -3.24 -32.40
C GLU A 62 -16.84 -3.44 -33.91
N ASN A 63 -17.91 -3.23 -34.67
CA ASN A 63 -17.84 -3.52 -36.09
C ASN A 63 -16.89 -2.49 -36.70
N ASP A 64 -15.59 -2.67 -36.44
CA ASP A 64 -14.58 -1.88 -37.11
C ASP A 64 -14.47 -0.46 -36.59
N GLU A 65 -15.52 0.08 -35.99
CA GLU A 65 -15.55 1.48 -35.63
C GLU A 65 -15.64 1.68 -34.13
N CYS A 66 -15.46 2.91 -33.72
CA CYS A 66 -15.61 3.34 -32.34
C CYS A 66 -17.04 3.85 -32.24
N ALA A 67 -17.82 3.16 -31.44
CA ALA A 67 -19.26 3.24 -31.47
C ALA A 67 -19.72 3.76 -30.12
N GLN A 68 -20.62 4.75 -30.13
CA GLN A 68 -21.15 5.16 -28.85
C GLN A 68 -22.19 4.17 -28.40
N LYS A 69 -22.29 4.03 -27.09
CA LYS A 69 -23.42 3.39 -26.51
C LYS A 69 -23.81 4.21 -25.31
N LYS A 70 -25.11 4.29 -25.10
CA LYS A 70 -25.66 4.92 -23.93
C LYS A 70 -26.04 3.79 -23.00
N ILE A 71 -25.57 3.82 -21.76
CA ILE A 71 -26.02 2.85 -20.74
C ILE A 71 -26.64 3.64 -19.60
N ILE A 72 -27.86 3.29 -19.24
CA ILE A 72 -28.55 3.90 -18.12
C ILE A 72 -28.45 2.95 -16.96
N ALA A 73 -28.33 3.47 -15.77
CA ALA A 73 -28.03 2.65 -14.60
C ALA A 73 -29.03 2.98 -13.53
N GLU A 74 -29.87 2.01 -13.18
CA GLU A 74 -31.01 2.28 -12.32
C GLU A 74 -30.64 2.23 -10.84
N LYS A 75 -31.12 3.22 -10.09
CA LYS A 75 -31.02 3.17 -8.64
C LYS A 75 -31.28 1.83 -8.01
N THR A 76 -30.73 1.68 -6.82
CA THR A 76 -31.14 0.65 -5.89
C THR A 76 -31.10 1.25 -4.49
N LYS A 77 -31.49 0.45 -3.52
CA LYS A 77 -31.49 0.92 -2.14
C LYS A 77 -30.12 1.45 -1.73
N ILE A 78 -29.05 0.74 -2.10
CA ILE A 78 -27.66 1.16 -1.82
C ILE A 78 -27.31 2.31 -2.76
N PRO A 79 -26.82 3.43 -2.27
CA PRO A 79 -26.56 4.52 -3.21
C PRO A 79 -25.49 4.18 -4.22
N ALA A 80 -24.53 3.37 -3.80
CA ALA A 80 -23.31 3.13 -4.56
C ALA A 80 -23.39 1.94 -5.51
N VAL A 81 -24.52 1.24 -5.60
CA VAL A 81 -24.66 0.16 -6.56
C VAL A 81 -25.92 0.40 -7.40
N PHE A 82 -25.77 0.21 -8.71
CA PHE A 82 -26.81 0.50 -9.71
C PHE A 82 -26.90 -0.68 -10.65
N LYS A 83 -28.11 -0.92 -11.16
CA LYS A 83 -28.37 -2.11 -11.94
C LYS A 83 -28.47 -1.77 -13.42
N ILE A 84 -27.83 -2.57 -14.29
CA ILE A 84 -27.77 -2.20 -15.70
C ILE A 84 -28.40 -3.34 -16.47
N ASP A 85 -28.66 -3.06 -17.72
CA ASP A 85 -29.57 -3.85 -18.53
C ASP A 85 -28.81 -4.35 -19.76
N ALA A 86 -29.20 -5.51 -20.26
CA ALA A 86 -28.47 -6.16 -21.35
C ALA A 86 -28.58 -7.68 -21.27
N LEU A 87 -27.64 -8.37 -20.60
CA LEU A 87 -27.62 -9.83 -20.64
C LEU A 87 -27.60 -10.53 -19.28
N ASN A 88 -27.55 -9.81 -18.17
CA ASN A 88 -27.95 -10.40 -16.89
C ASN A 88 -28.32 -9.29 -15.92
N GLU A 89 -28.86 -9.67 -14.77
CA GLU A 89 -29.20 -8.67 -13.78
C GLU A 89 -27.88 -8.16 -13.22
N ASN A 90 -27.67 -6.88 -13.35
CA ASN A 90 -26.35 -6.36 -13.24
C ASN A 90 -26.13 -5.48 -12.04
N LYS A 91 -24.87 -5.32 -11.74
CA LYS A 91 -24.40 -4.27 -10.88
C LYS A 91 -23.36 -3.50 -11.67
N VAL A 92 -23.49 -2.18 -11.61
CA VAL A 92 -22.38 -1.22 -11.57
C VAL A 92 -22.12 -0.92 -10.10
N LEU A 93 -20.90 -1.18 -9.65
CA LEU A 93 -20.47 -0.86 -8.29
C LEU A 93 -19.54 0.32 -8.36
N VAL A 94 -19.79 1.33 -7.55
CA VAL A 94 -18.97 2.51 -7.45
C VAL A 94 -18.15 2.33 -6.20
N LEU A 95 -16.84 2.33 -6.35
CA LEU A 95 -16.01 1.96 -5.22
C LEU A 95 -15.50 3.15 -4.43
N ASP A 96 -15.23 4.25 -5.13
CA ASP A 96 -14.49 5.32 -4.52
C ASP A 96 -14.37 6.41 -5.55
N THR A 97 -14.58 7.62 -5.09
CA THR A 97 -14.28 8.79 -5.87
C THR A 97 -14.11 9.91 -4.88
N ASP A 98 -13.46 10.97 -5.33
CA ASP A 98 -13.54 12.22 -4.62
C ASP A 98 -14.38 13.23 -5.41
N TYR A 99 -15.07 12.75 -6.46
CA TYR A 99 -15.94 13.54 -7.32
C TYR A 99 -15.17 14.43 -8.29
N LYS A 100 -14.04 14.94 -7.82
CA LYS A 100 -13.41 16.04 -8.53
C LYS A 100 -12.18 15.59 -9.30
N LYS A 101 -11.50 14.55 -8.88
CA LYS A 101 -10.38 14.03 -9.68
C LYS A 101 -10.67 12.67 -10.28
N TYR A 102 -10.73 11.58 -9.50
CA TYR A 102 -10.83 10.22 -9.97
C TYR A 102 -12.16 9.61 -9.54
N LEU A 103 -12.42 8.39 -10.04
CA LEU A 103 -13.60 7.62 -9.65
C LEU A 103 -13.35 6.16 -9.96
N LEU A 104 -13.48 5.33 -8.95
CA LEU A 104 -13.26 3.93 -9.10
C LEU A 104 -14.61 3.24 -9.08
N PHE A 105 -14.88 2.48 -10.15
CA PHE A 105 -16.07 1.65 -10.19
C PHE A 105 -15.78 0.31 -10.87
N CYS A 106 -16.49 -0.71 -10.43
CA CYS A 106 -16.47 -2.01 -11.08
C CYS A 106 -17.84 -2.27 -11.70
N MET A 107 -17.96 -3.44 -12.25
CA MET A 107 -19.08 -3.74 -13.09
C MET A 107 -19.06 -5.23 -13.08
N GLU A 108 -20.01 -5.83 -12.39
CA GLU A 108 -20.00 -7.27 -12.32
C GLU A 108 -21.27 -7.76 -12.97
N ASN A 109 -21.58 -9.01 -12.66
CA ASN A 109 -22.81 -9.61 -13.09
C ASN A 109 -23.10 -10.63 -12.01
N SER A 110 -24.26 -10.51 -11.35
CA SER A 110 -24.53 -11.35 -10.19
C SER A 110 -24.50 -12.83 -10.53
N ALA A 111 -24.82 -13.20 -11.77
CA ALA A 111 -24.76 -14.61 -12.15
C ALA A 111 -23.33 -15.16 -12.20
N GLU A 112 -22.31 -14.33 -12.45
CA GLU A 112 -20.95 -14.86 -12.69
C GLU A 112 -19.86 -13.87 -12.30
N PRO A 113 -19.58 -13.74 -11.03
CA PRO A 113 -18.41 -12.95 -10.61
C PRO A 113 -17.10 -13.29 -11.35
N GLU A 114 -16.23 -14.11 -10.75
CA GLU A 114 -14.96 -14.50 -11.40
C GLU A 114 -15.20 -14.83 -12.87
N GLN A 115 -15.59 -13.83 -13.64
CA GLN A 115 -15.78 -13.96 -15.07
C GLN A 115 -16.59 -12.80 -15.60
N SER A 116 -16.95 -11.93 -14.77
CA SER A 116 -17.78 -10.81 -15.19
C SER A 116 -17.23 -9.51 -14.64
N LEU A 117 -16.69 -9.53 -13.44
CA LEU A 117 -16.14 -8.34 -12.83
C LEU A 117 -15.11 -7.68 -13.74
N VAL A 118 -15.33 -6.41 -14.01
CA VAL A 118 -14.42 -5.54 -14.73
C VAL A 118 -14.39 -4.25 -13.94
N CYS A 119 -13.24 -3.60 -13.92
CA CYS A 119 -13.13 -2.43 -13.08
C CYS A 119 -12.38 -1.39 -13.87
N GLN A 120 -12.63 -0.16 -13.46
CA GLN A 120 -12.14 1.00 -14.17
C GLN A 120 -11.72 2.04 -13.17
N CYS A 121 -10.66 2.77 -13.54
CA CYS A 121 -10.17 3.94 -12.84
C CYS A 121 -10.36 5.11 -13.79
N LEU A 122 -11.31 5.94 -13.42
CA LEU A 122 -11.72 7.10 -14.20
C LEU A 122 -11.05 8.36 -13.70
N VAL A 123 -10.82 9.30 -14.60
CA VAL A 123 -10.31 10.60 -14.17
C VAL A 123 -10.98 11.76 -14.91
N ARG A 124 -10.96 12.95 -14.27
CA ARG A 124 -11.63 14.16 -14.80
C ARG A 124 -10.89 14.83 -15.95
N THR A 125 -9.59 14.61 -16.08
CA THR A 125 -8.76 15.28 -17.09
C THR A 125 -7.75 14.33 -17.73
N PRO A 126 -7.48 14.50 -19.06
CA PRO A 126 -6.66 13.52 -19.79
C PRO A 126 -5.21 13.39 -19.38
N GLU A 127 -4.96 13.09 -18.11
CA GLU A 127 -3.60 12.97 -17.63
C GLU A 127 -3.55 11.86 -16.59
N VAL A 128 -2.38 11.23 -16.47
CA VAL A 128 -2.20 10.22 -15.46
C VAL A 128 -2.20 10.86 -14.10
N ASP A 129 -2.94 10.26 -13.19
CA ASP A 129 -2.91 10.53 -11.77
C ASP A 129 -2.36 9.27 -11.13
N ASP A 130 -1.10 9.33 -10.68
CA ASP A 130 -0.50 8.21 -9.96
C ASP A 130 -1.35 7.84 -8.76
N GLU A 131 -1.69 8.84 -7.94
CA GLU A 131 -2.39 8.53 -6.70
C GLU A 131 -3.76 7.90 -6.93
N ALA A 132 -4.44 8.28 -8.02
CA ALA A 132 -5.65 7.58 -8.43
C ALA A 132 -5.32 6.13 -8.79
N LEU A 133 -4.27 5.95 -9.60
CA LEU A 133 -3.86 4.60 -9.96
C LEU A 133 -3.42 3.86 -8.72
N GLU A 134 -2.77 4.57 -7.80
CA GLU A 134 -2.48 4.01 -6.49
C GLU A 134 -3.73 3.39 -5.92
N LYS A 135 -4.73 4.25 -5.73
CA LYS A 135 -5.94 3.87 -5.05
C LYS A 135 -6.67 2.81 -5.85
N PHE A 136 -6.60 2.89 -7.18
CA PHE A 136 -7.12 1.81 -8.01
C PHE A 136 -6.37 0.51 -7.73
N ASP A 137 -5.05 0.56 -7.86
CA ASP A 137 -4.23 -0.62 -7.77
C ASP A 137 -4.33 -1.27 -6.41
N LYS A 138 -4.54 -0.52 -5.35
CA LYS A 138 -4.57 -1.15 -4.04
C LYS A 138 -5.92 -1.74 -3.69
N ALA A 139 -6.97 -1.39 -4.44
CA ALA A 139 -8.31 -1.88 -4.19
C ALA A 139 -8.62 -3.17 -4.91
N LEU A 140 -7.72 -3.68 -5.71
CA LEU A 140 -8.01 -4.86 -6.49
C LEU A 140 -7.07 -6.01 -6.15
N LYS A 141 -6.56 -6.05 -4.91
CA LYS A 141 -5.90 -7.25 -4.42
C LYS A 141 -6.87 -8.14 -3.70
N ALA A 142 -7.83 -7.54 -3.03
CA ALA A 142 -8.95 -8.33 -2.54
C ALA A 142 -9.73 -8.94 -3.70
N LEU A 143 -9.36 -8.62 -4.95
CA LEU A 143 -10.15 -9.10 -6.07
C LEU A 143 -9.29 -9.98 -6.97
N PRO A 144 -9.81 -10.94 -7.52
CA PRO A 144 -8.95 -11.79 -8.35
C PRO A 144 -8.85 -11.24 -9.76
N MET A 145 -8.11 -10.17 -9.92
CA MET A 145 -7.99 -9.59 -11.24
C MET A 145 -6.86 -10.31 -11.96
N HIS A 146 -7.07 -10.56 -13.22
CA HIS A 146 -6.08 -11.29 -13.97
C HIS A 146 -5.53 -10.55 -15.17
N ILE A 147 -6.18 -9.48 -15.61
CA ILE A 147 -5.64 -8.57 -16.63
C ILE A 147 -5.76 -7.14 -16.14
N ARG A 148 -4.69 -6.35 -16.37
CA ARG A 148 -4.65 -4.92 -16.07
C ARG A 148 -4.29 -4.17 -17.34
N LEU A 149 -5.07 -3.14 -17.72
CA LEU A 149 -4.67 -2.24 -18.82
C LEU A 149 -4.58 -0.82 -18.33
N SER A 150 -3.51 -0.14 -18.80
CA SER A 150 -3.18 1.26 -18.55
C SER A 150 -3.08 2.00 -19.86
N PHE A 151 -3.59 3.23 -19.90
CA PHE A 151 -3.50 4.05 -21.12
C PHE A 151 -2.84 5.41 -20.85
N ASN A 152 -2.32 6.03 -21.91
CA ASN A 152 -1.57 7.30 -21.75
C ASN A 152 -2.34 8.48 -22.31
N PRO A 153 -1.99 9.70 -21.87
CA PRO A 153 -2.84 10.85 -22.18
C PRO A 153 -3.17 10.98 -23.63
N THR A 154 -2.27 10.60 -24.50
CA THR A 154 -2.59 10.72 -25.91
C THR A 154 -3.73 9.81 -26.27
N GLN A 155 -3.68 8.54 -25.83
CA GLN A 155 -4.72 7.57 -26.17
C GLN A 155 -6.04 7.94 -25.50
N LEU A 156 -5.94 8.59 -24.35
CA LEU A 156 -7.11 9.17 -23.72
C LEU A 156 -7.78 10.24 -24.60
N GLU A 157 -7.02 10.99 -25.40
CA GLU A 157 -7.64 12.05 -26.19
C GLU A 157 -8.11 11.57 -27.56
N GLU A 158 -8.02 10.27 -27.84
CA GLU A 158 -8.38 9.72 -29.15
C GLU A 158 -9.59 8.80 -29.03
N GLN A 159 -10.12 8.45 -30.19
CA GLN A 159 -11.30 7.59 -30.25
C GLN A 159 -10.97 6.14 -29.91
N CYS A 160 -11.67 5.60 -28.92
CA CYS A 160 -11.43 4.23 -28.47
C CYS A 160 -9.99 4.04 -28.06
N HIS A 161 -9.39 5.11 -27.53
CA HIS A 161 -8.06 5.03 -26.93
C HIS A 161 -7.02 4.57 -27.95
N ILE A 162 -7.23 4.97 -29.20
CA ILE A 162 -6.30 4.90 -30.34
C ILE A 162 -7.12 4.39 -31.50
N LEU B 1 -9.65 -25.01 18.20
CA LEU B 1 -9.65 -26.47 18.60
C LEU B 1 -8.26 -27.06 18.71
N ILE B 2 -7.40 -26.19 19.22
CA ILE B 2 -6.01 -26.48 19.51
C ILE B 2 -5.72 -25.62 20.74
N VAL B 3 -6.21 -24.37 20.71
CA VAL B 3 -6.26 -23.45 21.84
C VAL B 3 -7.38 -23.82 22.80
N THR B 4 -7.06 -24.34 23.98
CA THR B 4 -8.11 -24.56 24.97
C THR B 4 -8.19 -23.42 25.98
N GLN B 5 -7.09 -22.73 26.28
CA GLN B 5 -7.23 -21.56 27.12
C GLN B 5 -8.07 -20.54 26.38
N THR B 6 -9.07 -20.02 27.07
CA THR B 6 -9.82 -18.85 26.67
C THR B 6 -10.30 -18.31 27.98
N MET B 7 -10.25 -17.01 28.15
CA MET B 7 -10.47 -16.47 29.47
C MET B 7 -11.94 -16.12 29.67
N LYS B 8 -12.48 -16.57 30.78
CA LYS B 8 -13.82 -16.23 31.21
C LYS B 8 -13.82 -14.88 31.92
N GLY B 9 -14.93 -14.17 31.77
CA GLY B 9 -15.16 -12.92 32.45
C GLY B 9 -14.59 -11.72 31.73
N LEU B 10 -14.40 -11.82 30.42
CA LEU B 10 -13.70 -10.77 29.70
C LEU B 10 -14.60 -9.56 29.52
N ASP B 11 -14.35 -8.52 30.32
CA ASP B 11 -14.87 -7.21 29.96
C ASP B 11 -13.78 -6.64 29.09
N ILE B 12 -14.03 -6.74 27.80
CA ILE B 12 -13.19 -6.20 26.78
C ILE B 12 -12.99 -4.68 26.87
N GLN B 13 -13.71 -3.96 27.72
CA GLN B 13 -13.53 -2.51 27.76
C GLN B 13 -12.32 -2.11 28.60
N LYS B 14 -11.89 -2.99 29.50
CA LYS B 14 -10.80 -2.80 30.44
C LYS B 14 -9.42 -3.10 29.84
N VAL B 15 -9.35 -3.57 28.59
CA VAL B 15 -8.08 -3.72 27.91
C VAL B 15 -7.66 -2.46 27.19
N ALA B 16 -8.53 -1.46 27.14
CA ALA B 16 -8.30 -0.28 26.33
C ALA B 16 -6.98 0.44 26.65
N GLY B 17 -6.38 1.05 25.65
CA GLY B 17 -5.21 1.88 25.89
C GLY B 17 -4.02 1.45 25.07
N THR B 18 -2.87 1.48 25.71
CA THR B 18 -1.59 1.25 25.05
C THR B 18 -0.96 -0.09 25.43
N TRP B 19 -0.28 -0.71 24.48
CA TRP B 19 0.38 -1.97 24.81
C TRP B 19 1.70 -2.11 24.07
N TYR B 20 2.54 -3.00 24.58
CA TYR B 20 3.76 -3.40 23.91
C TYR B 20 3.81 -4.90 23.79
N SER B 21 4.12 -5.36 22.59
CA SER B 21 4.40 -6.77 22.36
C SER B 21 5.74 -7.13 22.99
N LEU B 22 5.72 -7.75 24.17
CA LEU B 22 6.97 -8.15 24.84
C LEU B 22 7.48 -9.46 24.27
N ALA B 23 6.59 -10.40 23.95
CA ALA B 23 6.98 -11.71 23.46
C ALA B 23 6.03 -12.17 22.37
N MET B 24 6.46 -13.12 21.58
CA MET B 24 5.60 -13.65 20.53
C MET B 24 6.05 -15.08 20.10
N ALA B 25 5.10 -15.88 19.60
CA ALA B 25 5.39 -17.28 19.33
C ALA B 25 4.48 -17.88 18.28
N ALA B 26 5.02 -18.82 17.48
CA ALA B 26 4.26 -19.37 16.37
C ALA B 26 4.54 -20.87 16.17
N SER B 27 3.63 -21.51 15.42
CA SER B 27 3.69 -22.96 15.19
C SER B 27 4.65 -23.31 14.05
N ASP B 28 4.63 -22.57 12.95
CA ASP B 28 5.55 -22.72 11.81
C ASP B 28 6.56 -21.55 11.78
N ILE B 29 7.81 -21.79 12.19
CA ILE B 29 8.80 -20.72 12.34
C ILE B 29 8.68 -19.68 11.23
N SER B 30 8.50 -20.11 9.98
CA SER B 30 8.57 -19.17 8.88
C SER B 30 7.70 -17.96 9.08
N LEU B 31 6.75 -18.02 9.98
CA LEU B 31 5.78 -16.94 10.16
C LEU B 31 6.30 -15.84 11.08
N LEU B 32 7.32 -16.15 11.87
CA LEU B 32 7.90 -15.20 12.80
C LEU B 32 9.39 -15.02 12.57
N ASP B 33 9.94 -15.49 11.46
CA ASP B 33 11.38 -15.60 11.48
C ASP B 33 12.05 -14.26 11.33
N ALA B 34 11.92 -13.71 10.12
CA ALA B 34 12.44 -12.45 9.66
C ALA B 34 11.61 -11.27 10.15
N GLN B 35 12.20 -10.09 10.07
CA GLN B 35 11.43 -8.90 10.43
C GLN B 35 10.14 -8.81 9.63
N SER B 36 10.17 -9.26 8.37
CA SER B 36 9.01 -9.09 7.51
C SER B 36 8.19 -10.37 7.31
N ALA B 37 8.37 -11.39 8.14
CA ALA B 37 7.43 -12.48 8.02
C ALA B 37 6.02 -11.92 8.30
N PRO B 38 4.98 -12.58 7.74
CA PRO B 38 3.61 -12.02 7.80
C PRO B 38 3.05 -11.84 9.18
N LEU B 39 3.23 -12.78 10.09
CA LEU B 39 2.63 -12.58 11.42
C LEU B 39 3.63 -11.95 12.38
N ARG B 40 4.69 -11.36 11.85
CA ARG B 40 5.48 -10.48 12.66
C ARG B 40 4.80 -9.10 12.74
N VAL B 41 4.00 -8.91 13.78
CA VAL B 41 3.28 -7.68 14.04
C VAL B 41 3.55 -7.28 15.48
N TYR B 42 3.45 -5.99 15.78
CA TYR B 42 3.62 -5.51 17.15
C TYR B 42 2.44 -4.61 17.55
N VAL B 43 1.76 -4.91 18.68
CA VAL B 43 0.58 -4.18 19.10
C VAL B 43 0.96 -2.89 19.82
N GLU B 44 0.43 -1.79 19.30
CA GLU B 44 0.59 -0.43 19.83
C GLU B 44 -0.49 -0.07 20.85
N GLU B 45 -1.76 -0.16 20.44
CA GLU B 45 -2.89 0.34 21.18
C GLU B 45 -4.04 -0.67 21.05
N LEU B 46 -4.71 -0.98 22.15
CA LEU B 46 -6.03 -1.61 22.10
C LEU B 46 -7.12 -0.58 22.40
N LYS B 47 -7.99 -0.33 21.43
CA LYS B 47 -9.14 0.56 21.67
C LYS B 47 -10.47 -0.17 21.46
N PRO B 48 -11.12 -0.54 22.55
CA PRO B 48 -12.46 -1.13 22.46
C PRO B 48 -13.53 -0.18 21.93
N THR B 49 -14.37 -0.71 21.05
CA THR B 49 -15.48 0.12 20.59
C THR B 49 -16.69 -0.13 21.44
N PRO B 50 -17.68 0.75 21.32
CA PRO B 50 -18.91 0.59 22.10
C PRO B 50 -19.74 -0.66 21.78
N GLU B 51 -19.67 -1.20 20.56
CA GLU B 51 -20.42 -2.42 20.26
C GLU B 51 -19.88 -3.60 21.06
N GLY B 52 -18.69 -3.47 21.59
CA GLY B 52 -17.98 -4.59 22.15
C GLY B 52 -16.91 -5.13 21.22
N ASP B 53 -16.83 -4.62 20.00
CA ASP B 53 -15.73 -5.05 19.15
C ASP B 53 -14.42 -4.57 19.76
N LEU B 54 -13.33 -4.86 19.08
CA LEU B 54 -12.01 -4.40 19.49
C LEU B 54 -11.28 -3.98 18.26
N GLU B 55 -10.89 -2.71 18.20
CA GLU B 55 -9.92 -2.22 17.23
C GLU B 55 -8.48 -2.51 17.70
N ILE B 56 -7.68 -3.12 16.82
CA ILE B 56 -6.26 -3.37 17.03
C ILE B 56 -5.52 -2.40 16.13
N LEU B 57 -4.49 -1.77 16.70
CA LEU B 57 -3.59 -0.82 16.06
C LEU B 57 -2.17 -1.27 16.34
N LEU B 58 -1.39 -1.47 15.28
CA LEU B 58 -0.14 -2.22 15.35
C LEU B 58 0.80 -1.78 14.22
N GLN B 59 2.06 -2.23 14.34
CA GLN B 59 3.14 -2.06 13.37
C GLN B 59 3.51 -3.36 12.65
N LYS B 60 3.87 -3.23 11.38
CA LYS B 60 4.28 -4.40 10.61
C LYS B 60 5.15 -3.91 9.47
N TRP B 61 6.28 -4.59 9.28
CA TRP B 61 7.26 -4.31 8.24
C TRP B 61 6.94 -5.00 6.92
N GLU B 62 6.61 -4.26 5.87
CA GLU B 62 6.35 -4.91 4.59
C GLU B 62 7.22 -4.40 3.45
N ASN B 63 6.76 -3.40 2.71
CA ASN B 63 7.59 -2.84 1.65
C ASN B 63 8.72 -2.03 2.28
N ASP B 64 9.17 -2.49 3.44
CA ASP B 64 10.44 -2.09 4.03
C ASP B 64 10.39 -0.65 4.54
N GLU B 65 9.19 -0.23 4.92
CA GLU B 65 8.93 0.74 5.97
C GLU B 65 8.42 -0.02 7.19
N CYS B 66 8.27 0.67 8.31
CA CYS B 66 7.49 0.15 9.44
C CYS B 66 6.11 0.76 9.35
N ALA B 67 5.09 -0.04 9.08
CA ALA B 67 3.80 0.52 8.67
C ALA B 67 2.78 0.29 9.76
N GLN B 68 2.11 1.36 10.15
CA GLN B 68 1.04 1.22 11.11
C GLN B 68 -0.11 0.59 10.35
N LYS B 69 -0.92 -0.20 11.05
CA LYS B 69 -2.04 -0.86 10.38
C LYS B 69 -3.20 -0.99 11.35
N LYS B 70 -4.41 -0.82 10.82
CA LYS B 70 -5.65 -0.78 11.60
C LYS B 70 -6.35 -2.13 11.45
N ILE B 71 -7.03 -2.55 12.50
CA ILE B 71 -7.70 -3.83 12.34
C ILE B 71 -8.79 -3.99 13.39
N ILE B 72 -9.96 -4.41 12.96
CA ILE B 72 -11.10 -4.57 13.84
C ILE B 72 -11.53 -6.04 13.87
N ALA B 73 -12.06 -6.44 15.01
CA ALA B 73 -12.26 -7.83 15.35
C ALA B 73 -13.67 -8.16 15.91
N GLU B 74 -14.69 -8.35 15.05
CA GLU B 74 -16.03 -8.31 15.60
C GLU B 74 -16.11 -9.28 16.77
N LYS B 75 -16.95 -8.92 17.73
CA LYS B 75 -17.23 -9.78 18.88
C LYS B 75 -18.05 -10.96 18.42
N THR B 76 -17.69 -12.15 18.82
CA THR B 76 -18.55 -13.28 18.52
C THR B 76 -19.50 -13.44 19.69
N LYS B 77 -20.36 -14.45 19.64
CA LYS B 77 -21.25 -14.57 20.78
C LYS B 77 -20.55 -15.19 21.97
N ILE B 78 -19.31 -15.63 21.81
CA ILE B 78 -18.49 -16.07 22.93
C ILE B 78 -17.46 -14.96 23.18
N PRO B 79 -17.33 -14.48 24.42
CA PRO B 79 -16.85 -13.10 24.63
C PRO B 79 -15.39 -12.87 24.28
N ALA B 80 -14.54 -13.86 24.58
CA ALA B 80 -13.09 -13.81 24.51
C ALA B 80 -12.55 -14.29 23.17
N VAL B 81 -13.42 -14.51 22.20
CA VAL B 81 -13.00 -14.87 20.85
C VAL B 81 -13.64 -13.89 19.89
N PHE B 82 -12.92 -13.54 18.83
CA PHE B 82 -13.42 -12.53 17.93
C PHE B 82 -13.15 -13.00 16.53
N LYS B 83 -13.65 -12.30 15.57
CA LYS B 83 -13.37 -12.66 14.21
C LYS B 83 -12.60 -11.52 13.59
N ILE B 84 -11.62 -11.88 12.79
CA ILE B 84 -10.88 -10.95 11.95
C ILE B 84 -11.11 -11.37 10.51
N ASP B 85 -10.95 -10.43 9.59
CA ASP B 85 -11.63 -10.47 8.30
C ASP B 85 -10.60 -10.37 7.19
N ALA B 86 -10.35 -11.48 6.51
CA ALA B 86 -9.36 -11.55 5.43
C ALA B 86 -9.98 -12.30 4.26
N LEU B 87 -9.15 -13.02 3.51
CA LEU B 87 -9.63 -14.09 2.65
C LEU B 87 -10.27 -15.19 3.50
N ASN B 88 -9.58 -15.62 4.55
CA ASN B 88 -9.97 -16.78 5.34
C ASN B 88 -10.63 -16.36 6.65
N GLU B 89 -11.33 -17.30 7.28
CA GLU B 89 -12.12 -17.10 8.49
C GLU B 89 -11.27 -17.16 9.75
N ASN B 90 -10.77 -16.02 10.16
CA ASN B 90 -9.78 -16.04 11.21
C ASN B 90 -10.28 -15.37 12.48
N LYS B 91 -9.42 -15.33 13.48
CA LYS B 91 -9.98 -15.15 14.81
C LYS B 91 -8.87 -14.81 15.79
N VAL B 92 -9.22 -13.97 16.77
CA VAL B 92 -8.31 -13.65 17.87
C VAL B 92 -8.84 -14.28 19.15
N LEU B 93 -7.96 -14.96 19.87
CA LEU B 93 -8.24 -15.55 21.16
C LEU B 93 -7.62 -14.76 22.28
N VAL B 94 -8.38 -14.45 23.31
CA VAL B 94 -7.79 -13.87 24.52
C VAL B 94 -7.66 -14.95 25.57
N LEU B 95 -6.44 -15.33 25.83
CA LEU B 95 -6.24 -16.47 26.69
C LEU B 95 -6.32 -16.03 28.10
N ASP B 96 -6.00 -14.77 28.36
CA ASP B 96 -5.71 -14.43 29.72
C ASP B 96 -5.41 -12.93 29.79
N THR B 97 -5.84 -12.28 30.85
CA THR B 97 -5.41 -10.91 31.11
C THR B 97 -5.81 -10.54 32.52
N ASP B 98 -5.02 -9.66 33.12
CA ASP B 98 -5.41 -8.96 34.35
C ASP B 98 -5.79 -7.50 34.07
N TYR B 99 -5.93 -7.11 32.81
CA TYR B 99 -6.27 -5.74 32.48
C TYR B 99 -5.11 -4.78 32.80
N LYS B 100 -4.66 -4.77 34.06
CA LYS B 100 -3.80 -3.70 34.54
C LYS B 100 -2.45 -3.69 33.88
N LYS B 101 -1.88 -4.88 33.64
CA LYS B 101 -0.47 -5.03 33.31
C LYS B 101 -0.19 -5.86 32.07
N TYR B 102 -0.77 -7.07 31.95
CA TYR B 102 -0.49 -7.92 30.81
C TYR B 102 -1.76 -8.45 30.18
N LEU B 103 -1.58 -9.05 29.02
CA LEU B 103 -2.69 -9.69 28.35
C LEU B 103 -2.14 -10.71 27.35
N LEU B 104 -2.70 -11.91 27.37
CA LEU B 104 -2.29 -12.98 26.48
C LEU B 104 -3.35 -13.15 25.43
N PHE B 105 -2.95 -13.17 24.18
CA PHE B 105 -3.88 -13.41 23.09
C PHE B 105 -3.19 -14.26 22.02
N CYS B 106 -3.95 -15.07 21.31
CA CYS B 106 -3.40 -15.78 20.15
C CYS B 106 -4.19 -15.40 18.89
N MET B 107 -3.86 -16.09 17.82
CA MET B 107 -4.38 -15.81 16.51
C MET B 107 -4.16 -17.07 15.67
N GLU B 108 -5.25 -17.59 15.07
CA GLU B 108 -5.20 -18.85 14.32
C GLU B 108 -6.04 -18.67 13.06
N ASN B 109 -6.09 -19.71 12.23
CA ASN B 109 -6.99 -19.77 11.08
C ASN B 109 -7.71 -21.11 11.06
N SER B 110 -9.00 -21.11 10.70
CA SER B 110 -9.78 -22.36 10.68
C SER B 110 -9.07 -23.33 9.76
N ALA B 111 -8.82 -22.90 8.51
CA ALA B 111 -7.99 -23.59 7.52
C ALA B 111 -7.14 -24.67 8.14
N GLU B 112 -6.47 -24.38 9.25
CA GLU B 112 -5.61 -25.34 9.87
C GLU B 112 -5.61 -24.96 11.35
N PRO B 113 -5.68 -25.91 12.28
CA PRO B 113 -5.43 -25.52 13.68
C PRO B 113 -4.05 -24.88 13.77
N GLU B 114 -3.03 -25.72 13.59
CA GLU B 114 -1.65 -25.28 13.51
C GLU B 114 -1.43 -24.57 12.19
N GLN B 115 -0.19 -24.54 11.74
CA GLN B 115 0.25 -23.90 10.49
C GLN B 115 -0.13 -22.42 10.49
N SER B 116 -0.62 -21.94 11.61
CA SER B 116 -1.15 -20.60 11.65
C SER B 116 -0.95 -20.03 13.02
N LEU B 117 -1.03 -20.86 14.06
CA LEU B 117 -1.15 -20.30 15.39
C LEU B 117 0.06 -19.43 15.69
N VAL B 118 -0.25 -18.20 16.14
CA VAL B 118 0.69 -17.19 16.61
C VAL B 118 0.13 -16.59 17.89
N CYS B 119 1.01 -16.26 18.81
CA CYS B 119 0.57 -15.84 20.13
C CYS B 119 1.55 -14.77 20.61
N GLN B 120 1.08 -13.97 21.58
CA GLN B 120 1.79 -12.77 22.07
C GLN B 120 1.53 -12.59 23.55
N CYS B 121 2.45 -11.90 24.21
CA CYS B 121 2.25 -11.44 25.58
C CYS B 121 2.39 -9.93 25.53
N LEU B 122 1.28 -9.22 25.63
CA LEU B 122 1.30 -7.77 25.59
C LEU B 122 1.52 -7.31 27.01
N VAL B 123 2.20 -6.20 27.13
CA VAL B 123 2.37 -5.57 28.44
C VAL B 123 2.01 -4.09 28.31
N ARG B 124 1.57 -3.52 29.44
CA ARG B 124 1.18 -2.12 29.50
C ARG B 124 2.33 -1.17 29.58
N THR B 125 3.52 -1.58 30.07
CA THR B 125 4.65 -0.66 30.18
C THR B 125 5.90 -1.31 29.61
N PRO B 126 6.76 -0.53 28.96
CA PRO B 126 7.95 -1.15 28.39
C PRO B 126 8.84 -1.66 29.50
N GLU B 127 8.48 -2.82 30.05
CA GLU B 127 9.30 -3.49 31.05
C GLU B 127 9.20 -4.99 30.82
N VAL B 128 10.24 -5.71 31.22
CA VAL B 128 10.21 -7.17 31.13
C VAL B 128 9.42 -7.63 32.34
N ASP B 129 8.12 -7.82 32.17
CA ASP B 129 7.34 -8.43 33.22
C ASP B 129 7.64 -9.92 33.18
N ASP B 130 8.42 -10.39 34.16
CA ASP B 130 8.69 -11.83 34.24
C ASP B 130 7.42 -12.61 34.44
N GLU B 131 6.60 -12.23 35.42
CA GLU B 131 5.45 -13.07 35.70
C GLU B 131 4.54 -13.15 34.50
N ALA B 132 4.50 -12.11 33.68
CA ALA B 132 3.78 -12.23 32.42
C ALA B 132 4.38 -13.35 31.58
N LEU B 133 5.70 -13.35 31.44
CA LEU B 133 6.41 -14.32 30.60
C LEU B 133 6.27 -15.75 31.13
N GLU B 134 6.36 -15.94 32.44
CA GLU B 134 5.91 -17.19 33.04
C GLU B 134 4.61 -17.57 32.37
N LYS B 135 3.60 -16.75 32.64
CA LYS B 135 2.23 -17.10 32.31
C LYS B 135 2.10 -17.37 30.83
N PHE B 136 2.85 -16.63 30.01
CA PHE B 136 2.83 -16.89 28.57
C PHE B 136 3.32 -18.30 28.32
N ASP B 137 4.48 -18.64 28.89
CA ASP B 137 5.03 -19.97 28.68
C ASP B 137 4.15 -21.02 29.32
N LYS B 138 3.72 -20.78 30.54
CA LYS B 138 2.76 -21.68 31.17
C LYS B 138 1.59 -21.97 30.24
N ALA B 139 1.18 -21.01 29.44
CA ALA B 139 -0.01 -21.19 28.65
C ALA B 139 0.31 -21.59 27.23
N LEU B 140 1.57 -21.91 26.95
CA LEU B 140 1.92 -22.35 25.62
C LEU B 140 2.51 -23.75 25.56
N LYS B 141 3.05 -24.29 26.67
CA LYS B 141 3.54 -25.67 26.75
C LYS B 141 2.61 -26.59 25.99
N ALA B 142 1.32 -26.34 26.15
CA ALA B 142 0.25 -27.12 25.59
C ALA B 142 0.10 -26.89 24.10
N LEU B 143 0.91 -26.02 23.53
CA LEU B 143 0.75 -25.68 22.15
C LEU B 143 2.00 -26.06 21.37
N PRO B 144 1.87 -26.39 20.21
CA PRO B 144 3.04 -26.82 19.42
C PRO B 144 3.74 -25.62 18.81
N MET B 145 4.44 -24.89 19.68
CA MET B 145 5.14 -23.69 19.29
C MET B 145 6.62 -24.00 18.95
N HIS B 146 7.05 -23.52 17.80
CA HIS B 146 8.37 -23.82 17.32
C HIS B 146 9.31 -22.65 17.18
N ILE B 147 8.83 -21.43 17.12
CA ILE B 147 9.70 -20.27 17.24
C ILE B 147 9.14 -19.50 18.40
N ARG B 148 9.99 -18.70 19.05
CA ARG B 148 9.63 -17.97 20.26
C ARG B 148 10.63 -16.85 20.44
N LEU B 149 10.16 -15.63 20.18
CA LEU B 149 10.90 -14.37 20.26
C LEU B 149 10.51 -13.58 21.50
N SER B 150 11.49 -13.05 22.23
CA SER B 150 11.18 -11.99 23.17
C SER B 150 12.17 -10.82 23.03
N PHE B 151 11.88 -9.72 23.69
CA PHE B 151 12.47 -8.44 23.34
C PHE B 151 12.78 -7.62 24.59
N ASN B 152 13.73 -6.68 24.47
CA ASN B 152 14.17 -5.92 25.63
C ASN B 152 13.59 -4.46 25.63
N PRO B 153 13.74 -3.78 26.78
CA PRO B 153 12.99 -2.52 26.92
C PRO B 153 13.21 -1.48 25.84
N THR B 154 14.37 -1.42 25.21
CA THR B 154 14.54 -0.47 24.13
C THR B 154 13.72 -0.90 22.90
N GLN B 155 13.79 -2.18 22.52
CA GLN B 155 13.09 -2.60 21.30
C GLN B 155 11.57 -2.43 21.43
N LEU B 156 11.02 -2.50 22.65
CA LEU B 156 9.58 -2.23 22.84
C LEU B 156 9.22 -0.81 22.43
N GLU B 157 10.11 0.17 22.65
CA GLU B 157 9.86 1.59 22.35
C GLU B 157 10.26 2.02 20.94
N GLU B 158 10.92 1.17 20.18
CA GLU B 158 11.30 1.51 18.82
C GLU B 158 10.38 0.88 17.79
N GLN B 159 9.89 1.71 16.89
CA GLN B 159 9.24 1.33 15.65
C GLN B 159 9.61 -0.08 15.20
N CYS B 160 8.64 -0.98 15.13
CA CYS B 160 8.84 -2.37 14.71
C CYS B 160 9.96 -3.08 15.50
N HIS B 161 10.22 -2.64 16.74
CA HIS B 161 11.10 -3.36 17.63
C HIS B 161 12.52 -3.49 17.10
N ILE B 162 12.97 -2.46 16.38
CA ILE B 162 14.37 -2.10 16.01
C ILE B 162 14.52 -1.65 14.57
N LEU C 1 18.44 0.25 -20.62
CA LEU C 1 18.84 1.60 -20.03
C LEU C 1 17.63 2.34 -19.50
N ILE C 2 16.74 1.48 -19.05
CA ILE C 2 15.44 1.83 -18.53
C ILE C 2 15.19 0.75 -17.48
N VAL C 3 15.51 -0.49 -17.87
CA VAL C 3 15.69 -1.61 -16.95
C VAL C 3 17.06 -1.46 -16.31
N THR C 4 17.09 -1.05 -15.05
CA THR C 4 18.36 -0.98 -14.34
C THR C 4 18.60 -2.21 -13.46
N GLN C 5 17.64 -2.54 -12.60
CA GLN C 5 17.72 -3.71 -11.72
C GLN C 5 18.17 -4.95 -12.47
N THR C 6 19.32 -5.49 -12.08
CA THR C 6 19.82 -6.76 -12.56
C THR C 6 20.36 -7.49 -11.35
N MET C 7 20.56 -8.80 -11.51
CA MET C 7 20.87 -9.67 -10.39
C MET C 7 22.37 -9.69 -10.14
N LYS C 8 22.72 -9.61 -8.86
CA LYS C 8 24.09 -9.80 -8.43
C LYS C 8 24.54 -11.22 -8.76
N GLY C 9 25.73 -11.34 -9.32
CA GLY C 9 26.41 -12.62 -9.41
C GLY C 9 25.58 -13.80 -9.86
N LEU C 10 24.96 -13.72 -11.03
CA LEU C 10 24.02 -14.74 -11.45
C LEU C 10 24.79 -16.04 -11.70
N ASP C 11 24.55 -17.01 -10.81
CA ASP C 11 24.99 -18.38 -11.00
C ASP C 11 23.96 -18.97 -11.95
N ILE C 12 24.22 -18.72 -13.23
CA ILE C 12 23.33 -19.09 -14.32
C ILE C 12 23.06 -20.59 -14.38
N GLN C 13 23.78 -21.38 -13.58
CA GLN C 13 23.50 -22.81 -13.51
C GLN C 13 22.36 -23.07 -12.54
N LYS C 14 22.31 -22.30 -11.46
CA LYS C 14 21.30 -22.57 -10.44
C LYS C 14 19.86 -22.27 -10.90
N VAL C 15 19.65 -21.72 -12.09
CA VAL C 15 18.29 -21.49 -12.55
C VAL C 15 17.72 -22.73 -13.25
N ALA C 16 18.57 -23.68 -13.59
CA ALA C 16 18.19 -24.76 -14.49
C ALA C 16 16.99 -25.56 -13.99
N GLY C 17 16.23 -26.08 -14.93
CA GLY C 17 15.13 -26.98 -14.63
C GLY C 17 13.77 -26.52 -15.13
N THR C 18 12.66 -26.99 -14.55
CA THR C 18 11.35 -26.62 -15.07
C THR C 18 10.87 -25.35 -14.38
N TRP C 19 10.11 -24.55 -15.14
CA TRP C 19 9.52 -23.33 -14.62
C TRP C 19 8.22 -23.04 -15.30
N TYR C 20 7.42 -22.18 -14.65
CA TYR C 20 6.14 -21.74 -15.17
C TYR C 20 6.05 -20.22 -15.17
N SER C 21 5.54 -19.74 -16.28
CA SER C 21 5.14 -18.34 -16.47
C SER C 21 3.92 -18.07 -15.60
N LEU C 22 4.11 -17.46 -14.42
CA LEU C 22 3.00 -17.15 -13.53
C LEU C 22 2.34 -15.82 -13.91
N ALA C 23 3.17 -14.81 -14.27
CA ALA C 23 2.67 -13.49 -14.61
C ALA C 23 3.49 -12.91 -15.76
N MET C 24 2.93 -11.91 -16.44
CA MET C 24 3.48 -11.36 -17.66
C MET C 24 3.08 -9.89 -17.74
N ALA C 25 3.97 -9.06 -18.28
CA ALA C 25 3.64 -7.63 -18.36
C ALA C 25 4.39 -7.03 -19.52
N ALA C 26 3.81 -6.00 -20.11
CA ALA C 26 4.46 -5.42 -21.28
C ALA C 26 4.07 -3.97 -21.43
N SER C 27 4.84 -3.29 -22.27
CA SER C 27 4.64 -1.86 -22.48
C SER C 27 3.58 -1.60 -23.53
N ASP C 28 3.74 -2.17 -24.71
CA ASP C 28 2.78 -1.96 -25.77
C ASP C 28 1.73 -3.06 -25.64
N ILE C 29 0.50 -2.66 -25.32
CA ILE C 29 -0.54 -3.64 -25.02
C ILE C 29 -0.60 -4.70 -26.10
N SER C 30 -0.62 -4.26 -27.36
CA SER C 30 -0.74 -5.15 -28.50
C SER C 30 0.24 -6.32 -28.48
N LEU C 31 1.31 -6.24 -27.66
CA LEU C 31 2.27 -7.32 -27.64
C LEU C 31 1.79 -8.49 -26.79
N LEU C 32 0.82 -8.26 -25.91
CA LEU C 32 0.25 -9.29 -25.06
C LEU C 32 -1.27 -9.30 -25.22
N ASP C 33 -1.76 -8.74 -26.31
CA ASP C 33 -3.18 -8.45 -26.44
C ASP C 33 -3.99 -9.72 -26.38
N ALA C 34 -3.50 -10.76 -27.04
CA ALA C 34 -4.23 -12.01 -27.21
C ALA C 34 -3.23 -13.16 -27.28
N GLN C 35 -3.77 -14.38 -27.29
CA GLN C 35 -2.96 -15.59 -27.25
C GLN C 35 -1.88 -15.61 -28.32
N SER C 36 -2.14 -15.00 -29.48
CA SER C 36 -1.21 -15.02 -30.60
C SER C 36 -0.37 -13.74 -30.74
N ALA C 37 -0.28 -12.90 -29.72
CA ALA C 37 0.70 -11.84 -29.81
C ALA C 37 2.14 -12.39 -29.75
N PRO C 38 3.08 -11.71 -30.40
CA PRO C 38 4.44 -12.25 -30.52
C PRO C 38 5.12 -12.45 -29.21
N LEU C 39 4.84 -11.62 -28.23
CA LEU C 39 5.54 -11.76 -26.96
C LEU C 39 4.74 -12.54 -25.96
N ARG C 40 3.67 -13.16 -26.40
CA ARG C 40 2.95 -14.06 -25.54
C ARG C 40 3.70 -15.39 -25.57
N VAL C 41 4.61 -15.61 -24.61
CA VAL C 41 5.35 -16.85 -24.54
C VAL C 41 5.31 -17.36 -23.11
N TYR C 42 5.36 -18.69 -23.02
CA TYR C 42 5.31 -19.43 -21.77
C TYR C 42 6.56 -20.30 -21.75
N VAL C 43 7.32 -20.27 -20.65
CA VAL C 43 8.61 -20.96 -20.62
C VAL C 43 8.47 -22.31 -19.89
N GLU C 44 8.69 -23.41 -20.63
CA GLU C 44 8.68 -24.73 -20.02
C GLU C 44 9.94 -25.02 -19.22
N GLU C 45 11.11 -24.62 -19.74
CA GLU C 45 12.36 -25.02 -19.08
C GLU C 45 13.47 -24.07 -19.47
N LEU C 46 14.40 -23.92 -18.53
CA LEU C 46 15.71 -23.36 -18.78
C LEU C 46 16.75 -24.44 -18.51
N LYS C 47 17.56 -24.74 -19.53
CA LYS C 47 18.62 -25.75 -19.44
C LYS C 47 19.96 -25.11 -19.85
N PRO C 48 20.73 -24.65 -18.89
CA PRO C 48 21.91 -23.85 -19.22
C PRO C 48 22.98 -24.72 -19.85
N THR C 49 23.66 -24.19 -20.87
CA THR C 49 24.67 -25.01 -21.49
C THR C 49 25.94 -24.91 -20.68
N PRO C 50 26.89 -25.85 -20.90
CA PRO C 50 28.13 -25.89 -20.10
C PRO C 50 29.05 -24.69 -20.29
N GLU C 51 28.87 -23.91 -21.37
CA GLU C 51 29.61 -22.69 -21.68
C GLU C 51 29.15 -21.46 -20.91
N GLY C 52 27.95 -21.49 -20.33
CA GLY C 52 27.34 -20.31 -19.75
C GLY C 52 26.24 -19.66 -20.56
N ASP C 53 25.94 -20.13 -21.77
CA ASP C 53 24.75 -19.63 -22.45
C ASP C 53 23.50 -20.16 -21.70
N LEU C 54 22.31 -19.78 -22.15
CA LEU C 54 21.11 -20.37 -21.55
C LEU C 54 20.12 -20.63 -22.67
N GLU C 55 19.79 -21.91 -22.90
CA GLU C 55 18.69 -22.22 -23.80
C GLU C 55 17.37 -22.19 -23.08
N ILE C 56 16.46 -21.48 -23.69
CA ILE C 56 15.09 -21.34 -23.25
C ILE C 56 14.27 -22.19 -24.17
N LEU C 57 13.36 -22.94 -23.59
CA LEU C 57 12.42 -23.72 -24.37
C LEU C 57 11.02 -23.30 -23.94
N LEU C 58 10.22 -22.94 -24.92
CA LEU C 58 8.98 -22.24 -24.61
C LEU C 58 7.94 -22.59 -25.65
N GLN C 59 6.69 -22.34 -25.28
CA GLN C 59 5.55 -22.54 -26.14
C GLN C 59 5.06 -21.17 -26.60
N LYS C 60 4.39 -21.16 -27.76
CA LYS C 60 3.81 -19.94 -28.30
C LYS C 60 2.69 -20.32 -29.23
N TRP C 61 1.61 -19.56 -29.20
CA TRP C 61 0.49 -19.78 -30.12
C TRP C 61 0.87 -19.21 -31.48
N GLU C 62 1.11 -20.09 -32.47
CA GLU C 62 1.49 -19.61 -33.80
C GLU C 62 0.34 -19.77 -34.78
N ASN C 63 0.45 -20.69 -35.75
CA ASN C 63 -0.50 -20.71 -36.86
C ASN C 63 -1.76 -21.46 -36.40
N ASP C 64 -2.26 -20.99 -35.26
CA ASP C 64 -3.47 -21.51 -34.66
C ASP C 64 -3.27 -22.92 -34.09
N GLU C 65 -2.03 -23.23 -33.67
CA GLU C 65 -1.74 -24.29 -32.72
C GLU C 65 -0.70 -23.82 -31.72
N CYS C 66 -0.46 -24.65 -30.69
CA CYS C 66 0.55 -24.36 -29.66
C CYS C 66 1.87 -25.03 -30.01
N ALA C 67 2.89 -24.21 -30.23
CA ALA C 67 4.14 -24.63 -30.86
C ALA C 67 5.29 -24.60 -29.88
N GLN C 68 6.08 -25.68 -29.85
CA GLN C 68 7.27 -25.65 -29.01
C GLN C 68 8.39 -24.90 -29.71
N LYS C 69 9.29 -24.34 -28.92
CA LYS C 69 10.27 -23.42 -29.46
C LYS C 69 11.46 -23.38 -28.51
N LYS C 70 12.65 -23.48 -29.08
CA LYS C 70 13.91 -23.46 -28.36
C LYS C 70 14.65 -22.22 -28.80
N ILE C 71 15.25 -21.48 -27.86
CA ILE C 71 16.04 -20.30 -28.24
C ILE C 71 17.21 -20.16 -27.29
N ILE C 72 18.34 -19.76 -27.83
CA ILE C 72 19.56 -19.61 -27.05
C ILE C 72 19.88 -18.13 -26.83
N ALA C 73 20.47 -17.86 -25.65
CA ALA C 73 20.72 -16.52 -25.12
C ALA C 73 22.22 -16.47 -24.74
N GLU C 74 23.08 -16.25 -25.75
CA GLU C 74 24.51 -16.28 -25.56
C GLU C 74 24.92 -15.34 -24.43
N LYS C 75 25.68 -15.88 -23.50
CA LYS C 75 26.33 -15.07 -22.48
C LYS C 75 26.69 -13.68 -22.97
N THR C 76 26.65 -12.74 -22.06
CA THR C 76 27.28 -11.46 -22.24
C THR C 76 28.18 -11.28 -21.04
N LYS C 77 29.11 -10.33 -21.14
CA LYS C 77 30.12 -10.17 -20.11
C LYS C 77 29.57 -9.66 -18.75
N ILE C 78 28.25 -9.50 -18.59
CA ILE C 78 27.62 -9.25 -17.30
C ILE C 78 26.69 -10.44 -17.01
N PRO C 79 26.66 -10.96 -15.77
CA PRO C 79 25.92 -12.25 -15.56
C PRO C 79 24.43 -12.16 -15.76
N ALA C 80 23.82 -11.01 -15.53
CA ALA C 80 22.38 -10.91 -15.49
C ALA C 80 21.75 -10.61 -16.84
N VAL C 81 22.52 -10.35 -17.90
CA VAL C 81 21.89 -10.09 -19.19
C VAL C 81 22.49 -11.00 -20.24
N PHE C 82 21.65 -11.38 -21.20
CA PHE C 82 22.04 -12.32 -22.24
C PHE C 82 21.55 -11.78 -23.57
N LYS C 83 22.06 -12.34 -24.64
CA LYS C 83 21.81 -11.78 -25.94
C LYS C 83 21.10 -12.82 -26.73
N ILE C 84 20.09 -12.38 -27.44
CA ILE C 84 19.16 -13.20 -28.19
C ILE C 84 19.23 -12.68 -29.61
N ASP C 85 18.73 -13.47 -30.54
CA ASP C 85 19.13 -13.42 -31.94
C ASP C 85 17.91 -13.45 -32.83
N ALA C 86 18.11 -12.90 -34.03
CA ALA C 86 17.07 -12.75 -35.03
C ALA C 86 17.52 -11.66 -36.02
N LEU C 87 16.67 -10.65 -36.23
CA LEU C 87 16.95 -9.52 -37.13
C LEU C 87 17.41 -8.28 -36.38
N ASN C 88 17.17 -8.21 -35.07
CA ASN C 88 17.58 -7.09 -34.24
C ASN C 88 18.22 -7.63 -32.96
N GLU C 89 18.87 -6.73 -32.23
CA GLU C 89 19.65 -7.08 -31.04
C GLU C 89 18.72 -7.26 -29.83
N ASN C 90 18.22 -8.48 -29.69
CA ASN C 90 17.33 -8.77 -28.60
C ASN C 90 18.20 -9.19 -27.45
N LYS C 91 17.79 -8.83 -26.24
CA LYS C 91 18.52 -9.15 -25.02
C LYS C 91 17.57 -9.71 -23.96
N VAL C 92 18.04 -10.66 -23.16
CA VAL C 92 17.29 -11.11 -22.00
C VAL C 92 17.96 -10.65 -20.74
N LEU C 93 17.17 -10.03 -19.86
CA LEU C 93 17.57 -9.52 -18.56
C LEU C 93 16.98 -10.34 -17.45
N VAL C 94 17.79 -10.66 -16.49
CA VAL C 94 17.37 -11.41 -15.33
C VAL C 94 17.35 -10.47 -14.16
N LEU C 95 16.15 -10.09 -13.71
CA LEU C 95 16.09 -8.97 -12.77
C LEU C 95 16.46 -9.40 -11.36
N ASP C 96 16.10 -10.62 -11.00
CA ASP C 96 16.14 -11.12 -9.62
C ASP C 96 15.72 -12.58 -9.62
N THR C 97 16.41 -13.41 -8.84
CA THR C 97 16.01 -14.79 -8.68
C THR C 97 16.46 -15.27 -7.32
N ASP C 98 15.71 -16.20 -6.74
CA ASP C 98 16.19 -16.94 -5.58
C ASP C 98 16.58 -18.39 -5.87
N TYR C 99 16.51 -18.84 -7.13
CA TYR C 99 16.80 -20.23 -7.55
C TYR C 99 15.77 -21.27 -7.12
N LYS C 100 15.50 -21.39 -5.82
CA LYS C 100 14.61 -22.44 -5.31
C LYS C 100 13.20 -22.30 -5.83
N LYS C 101 12.75 -21.05 -6.07
CA LYS C 101 11.32 -20.73 -6.15
C LYS C 101 10.91 -19.87 -7.36
N TYR C 102 11.43 -18.64 -7.50
CA TYR C 102 10.95 -17.69 -8.51
C TYR C 102 12.08 -17.12 -9.37
N LEU C 103 11.69 -16.40 -10.41
CA LEU C 103 12.65 -15.70 -11.25
C LEU C 103 11.97 -14.61 -12.09
N LEU C 104 12.51 -13.42 -12.00
CA LEU C 104 12.02 -12.27 -12.73
C LEU C 104 13.03 -11.99 -13.84
N PHE C 105 12.56 -11.92 -15.07
CA PHE C 105 13.44 -11.61 -16.17
C PHE C 105 12.73 -10.75 -17.20
N CYS C 106 13.47 -9.92 -17.95
CA CYS C 106 12.81 -9.14 -19.02
C CYS C 106 13.44 -9.49 -20.35
N MET C 107 13.06 -8.76 -21.39
CA MET C 107 13.47 -9.08 -22.76
C MET C 107 13.33 -7.89 -23.69
N GLU C 108 14.31 -6.98 -23.74
CA GLU C 108 14.13 -5.80 -24.59
C GLU C 108 14.60 -6.11 -26.00
N ASN C 109 14.36 -5.14 -26.88
CA ASN C 109 15.09 -4.96 -28.12
C ASN C 109 15.94 -3.71 -27.99
N SER C 110 17.17 -3.80 -28.52
CA SER C 110 18.17 -2.76 -28.35
C SER C 110 17.74 -1.41 -28.92
N ALA C 111 17.20 -1.40 -30.14
CA ALA C 111 16.74 -0.17 -30.79
C ALA C 111 15.39 0.38 -30.31
N GLU C 112 14.75 -0.21 -29.28
CA GLU C 112 13.38 0.17 -28.94
C GLU C 112 13.14 0.11 -27.43
N PRO C 113 12.49 1.14 -26.83
CA PRO C 113 12.46 1.19 -25.36
C PRO C 113 11.21 0.58 -24.76
N GLU C 114 10.19 1.42 -24.65
CA GLU C 114 8.84 1.06 -24.28
C GLU C 114 8.10 0.40 -25.42
N GLN C 115 8.77 0.14 -26.55
CA GLN C 115 8.12 -0.47 -27.69
C GLN C 115 8.25 -2.00 -27.69
N SER C 116 8.85 -2.57 -26.66
CA SER C 116 9.29 -3.96 -26.80
C SER C 116 9.66 -4.59 -25.45
N LEU C 117 9.79 -3.80 -24.39
CA LEU C 117 10.13 -4.38 -23.10
C LEU C 117 9.04 -5.37 -22.68
N VAL C 118 9.46 -6.60 -22.30
CA VAL C 118 8.58 -7.62 -21.71
C VAL C 118 9.25 -8.34 -20.56
N CYS C 119 8.46 -8.71 -19.55
CA CYS C 119 8.94 -9.26 -18.29
C CYS C 119 7.98 -10.35 -17.80
N GLN C 120 8.50 -11.21 -16.92
CA GLN C 120 7.76 -12.39 -16.50
C GLN C 120 8.07 -12.67 -15.04
N CYS C 121 7.17 -13.35 -14.37
CA CYS C 121 7.48 -13.90 -13.05
C CYS C 121 7.40 -15.40 -13.22
N LEU C 122 8.56 -16.07 -13.16
CA LEU C 122 8.56 -17.52 -13.30
C LEU C 122 8.50 -18.14 -11.91
N VAL C 123 7.87 -19.30 -11.84
CA VAL C 123 7.81 -20.08 -10.60
C VAL C 123 8.27 -21.49 -10.91
N ARG C 124 8.74 -22.20 -9.87
CA ARG C 124 9.14 -23.60 -10.06
C ARG C 124 7.94 -24.51 -10.18
N THR C 125 6.84 -24.17 -9.51
CA THR C 125 5.72 -25.08 -9.44
C THR C 125 4.42 -24.34 -9.72
N PRO C 126 3.48 -24.96 -10.41
CA PRO C 126 2.28 -24.20 -10.83
C PRO C 126 1.42 -23.80 -9.66
N GLU C 127 1.90 -22.83 -8.89
CA GLU C 127 1.21 -22.33 -7.71
C GLU C 127 1.35 -20.82 -7.66
N VAL C 128 0.24 -20.12 -7.51
CA VAL C 128 0.29 -18.66 -7.45
C VAL C 128 1.07 -18.25 -6.23
N ASP C 129 2.34 -18.05 -6.37
CA ASP C 129 3.06 -17.55 -5.22
C ASP C 129 2.81 -16.07 -5.14
N ASP C 130 2.14 -15.70 -4.07
CA ASP C 130 1.99 -14.29 -3.81
C ASP C 130 3.36 -13.66 -3.81
N GLU C 131 4.25 -14.27 -3.06
CA GLU C 131 5.50 -13.65 -2.72
C GLU C 131 6.41 -13.45 -3.94
N ALA C 132 6.29 -14.30 -4.97
CA ALA C 132 6.95 -13.96 -6.23
C ALA C 132 6.32 -12.74 -6.86
N LEU C 133 4.99 -12.71 -6.90
CA LEU C 133 4.27 -11.62 -7.54
C LEU C 133 4.56 -10.30 -6.85
N GLU C 134 4.62 -10.30 -5.52
CA GLU C 134 5.07 -9.14 -4.77
C GLU C 134 6.21 -8.43 -5.46
N LYS C 135 7.35 -9.12 -5.52
CA LYS C 135 8.58 -8.48 -5.97
C LYS C 135 8.58 -8.30 -7.47
N PHE C 136 7.91 -9.19 -8.18
CA PHE C 136 7.63 -8.91 -9.57
C PHE C 136 6.96 -7.54 -9.68
N ASP C 137 5.85 -7.33 -8.98
CA ASP C 137 5.16 -6.05 -9.10
C ASP C 137 6.03 -4.90 -8.63
N LYS C 138 6.93 -5.15 -7.68
CA LYS C 138 7.73 -4.08 -7.13
C LYS C 138 9.06 -3.92 -7.84
N ALA C 139 9.43 -4.87 -8.69
CA ALA C 139 10.55 -4.66 -9.59
C ALA C 139 10.14 -3.90 -10.81
N LEU C 140 8.85 -3.70 -10.99
CA LEU C 140 8.29 -3.22 -12.22
C LEU C 140 7.50 -1.93 -12.02
N LYS C 141 7.19 -1.56 -10.79
CA LYS C 141 6.67 -0.22 -10.57
C LYS C 141 7.53 0.78 -11.32
N ALA C 142 8.83 0.58 -11.27
CA ALA C 142 9.81 1.44 -11.93
C ALA C 142 9.79 1.32 -13.45
N LEU C 143 8.90 0.52 -14.01
CA LEU C 143 8.84 0.34 -15.45
C LEU C 143 7.48 0.81 -15.98
N PRO C 144 7.43 1.26 -17.37
CA PRO C 144 6.20 1.80 -18.00
C PRO C 144 5.34 0.68 -18.58
N MET C 145 4.64 -0.11 -17.73
CA MET C 145 3.93 -1.27 -18.25
C MET C 145 2.44 -0.93 -18.42
N HIS C 146 1.90 -1.24 -19.57
CA HIS C 146 0.52 -0.95 -19.83
C HIS C 146 -0.39 -2.17 -19.78
N ILE C 147 0.13 -3.34 -20.05
CA ILE C 147 -0.68 -4.51 -19.91
C ILE C 147 0.00 -5.43 -18.94
N ARG C 148 -0.78 -6.11 -18.15
CA ARG C 148 -0.26 -6.99 -17.15
C ARG C 148 -1.26 -8.13 -17.05
N LEU C 149 -0.76 -9.38 -17.08
CA LEU C 149 -1.53 -10.62 -17.11
C LEU C 149 -1.14 -11.55 -16.00
N SER C 150 -2.11 -12.14 -15.33
CA SER C 150 -1.84 -13.09 -14.27
C SER C 150 -2.64 -14.40 -14.47
N PHE C 151 -2.00 -15.56 -14.17
CA PHE C 151 -2.55 -16.88 -14.51
C PHE C 151 -2.73 -17.81 -13.29
N ASN C 152 -3.84 -18.69 -13.31
CA ASN C 152 -4.08 -19.60 -12.16
C ASN C 152 -3.61 -21.04 -12.43
N PRO C 153 -3.49 -21.86 -11.39
CA PRO C 153 -2.74 -23.11 -11.54
C PRO C 153 -3.22 -24.01 -12.66
N THR C 154 -4.49 -24.03 -12.99
CA THR C 154 -4.92 -24.84 -14.12
C THR C 154 -4.26 -24.33 -15.39
N GLN C 155 -4.26 -23.04 -15.58
CA GLN C 155 -3.69 -22.45 -16.78
C GLN C 155 -2.19 -22.67 -16.86
N LEU C 156 -1.52 -22.71 -15.72
CA LEU C 156 -0.08 -22.90 -15.73
C LEU C 156 0.31 -24.22 -16.36
N GLU C 157 -0.47 -25.28 -16.12
CA GLU C 157 -0.10 -26.62 -16.59
C GLU C 157 -0.63 -26.95 -17.98
N GLU C 158 -1.62 -26.22 -18.46
CA GLU C 158 -2.23 -26.48 -19.75
C GLU C 158 -1.46 -25.83 -20.88
N GLN C 159 -1.31 -26.58 -21.96
CA GLN C 159 -0.84 -26.06 -23.25
C GLN C 159 -0.99 -24.54 -23.37
N CYS C 160 0.03 -23.81 -23.82
CA CYS C 160 -0.14 -22.37 -24.04
C CYS C 160 -0.98 -21.60 -22.99
N HIS C 161 -1.07 -22.08 -21.75
CA HIS C 161 -1.85 -21.39 -20.72
C HIS C 161 -3.33 -21.26 -21.13
N ILE C 162 -3.78 -22.18 -22.00
CA ILE C 162 -5.17 -22.58 -22.25
C ILE C 162 -5.44 -22.52 -23.79
N LEU D 1 12.97 34.06 3.05
CA LEU D 1 13.94 34.07 1.90
C LEU D 1 15.02 32.99 2.06
N ILE D 2 14.64 31.87 2.66
CA ILE D 2 15.50 30.72 2.81
C ILE D 2 14.58 29.50 2.70
N VAL D 3 13.44 29.52 3.39
CA VAL D 3 12.37 28.57 3.15
C VAL D 3 11.71 28.99 1.86
N THR D 4 11.91 28.20 0.82
CA THR D 4 11.32 28.46 -0.48
C THR D 4 9.99 27.71 -0.65
N GLN D 5 9.74 26.71 0.16
CA GLN D 5 8.53 25.90 0.05
C GLN D 5 7.43 26.47 0.91
N THR D 6 6.19 26.21 0.47
CA THR D 6 4.99 26.77 1.10
C THR D 6 3.74 26.15 0.49
N MET D 7 2.78 25.75 1.32
CA MET D 7 1.65 24.96 0.83
C MET D 7 0.48 25.90 0.53
N LYS D 8 -0.10 25.77 -0.67
CA LYS D 8 -1.28 26.56 -1.05
C LYS D 8 -2.55 25.80 -0.69
N GLY D 9 -3.69 26.31 -1.17
CA GLY D 9 -5.00 25.69 -0.97
C GLY D 9 -5.23 25.39 0.50
N LEU D 10 -4.55 26.18 1.34
CA LEU D 10 -4.53 25.97 2.79
C LEU D 10 -5.85 26.41 3.40
N ASP D 11 -6.69 25.46 3.77
CA ASP D 11 -7.77 25.76 4.68
C ASP D 11 -7.22 25.50 6.08
N ILE D 12 -6.69 26.58 6.65
CA ILE D 12 -6.25 26.60 8.04
C ILE D 12 -7.33 26.07 8.94
N GLN D 13 -8.58 26.17 8.52
CA GLN D 13 -9.72 25.66 9.25
C GLN D 13 -9.37 24.30 9.84
N LYS D 14 -8.70 23.47 9.04
CA LYS D 14 -8.72 22.04 9.25
C LYS D 14 -7.54 21.50 10.07
N VAL D 15 -6.48 22.28 10.27
CA VAL D 15 -5.34 21.76 11.02
C VAL D 15 -5.66 21.77 12.50
N ALA D 16 -6.81 22.32 12.89
CA ALA D 16 -7.15 22.45 14.30
C ALA D 16 -7.09 21.08 14.95
N GLY D 17 -6.85 21.08 16.25
CA GLY D 17 -6.89 19.85 17.01
C GLY D 17 -5.55 19.50 17.66
N THR D 18 -5.38 18.21 17.94
CA THR D 18 -4.24 17.72 18.69
C THR D 18 -3.14 17.22 17.75
N TRP D 19 -1.90 17.44 18.19
CA TRP D 19 -0.72 17.03 17.44
C TRP D 19 0.36 16.64 18.43
N TYR D 20 1.37 15.97 17.90
CA TYR D 20 2.62 15.72 18.61
C TYR D 20 3.75 15.96 17.63
N SER D 21 4.80 16.63 18.12
CA SER D 21 6.06 16.83 17.39
C SER D 21 6.86 15.54 17.36
N LEU D 22 6.92 14.93 16.19
CA LEU D 22 7.60 13.65 16.00
C LEU D 22 9.10 13.85 15.74
N ALA D 23 9.46 14.84 14.93
CA ALA D 23 10.83 15.15 14.54
C ALA D 23 11.02 16.67 14.50
N MET D 24 12.30 17.08 14.54
CA MET D 24 12.73 18.47 14.71
C MET D 24 14.12 18.72 14.15
N ALA D 25 14.32 19.88 13.56
CA ALA D 25 15.57 20.20 12.89
C ALA D 25 15.85 21.70 12.99
N ALA D 26 17.10 22.06 12.96
CA ALA D 26 17.37 23.46 13.16
C ALA D 26 18.64 23.82 12.43
N SER D 27 18.87 25.13 12.34
CA SER D 27 19.99 25.67 11.61
C SER D 27 21.28 25.49 12.42
N ASP D 28 21.19 25.67 13.73
CA ASP D 28 22.36 25.77 14.59
C ASP D 28 22.18 24.95 15.86
N ILE D 29 22.81 23.79 15.93
CA ILE D 29 22.87 22.95 17.12
C ILE D 29 22.52 23.66 18.45
N SER D 30 23.10 24.83 18.75
CA SER D 30 22.90 25.38 20.10
C SER D 30 21.42 25.51 20.50
N LEU D 31 20.55 25.59 19.49
CA LEU D 31 19.14 25.89 19.64
C LEU D 31 18.29 24.67 20.00
N LEU D 32 18.82 23.50 19.81
CA LEU D 32 18.05 22.30 19.98
C LEU D 32 18.67 21.27 20.88
N ASP D 33 19.98 21.02 20.77
CA ASP D 33 20.53 19.81 21.36
C ASP D 33 20.00 19.60 22.78
N ALA D 34 20.06 20.61 23.64
CA ALA D 34 19.69 20.40 25.05
C ALA D 34 18.19 20.31 25.24
N GLN D 35 17.80 19.76 26.39
CA GLN D 35 16.37 19.70 26.73
C GLN D 35 15.76 21.08 26.91
N SER D 36 16.54 22.02 27.44
CA SER D 36 16.07 23.36 27.77
C SER D 36 16.45 24.34 26.68
N ALA D 37 16.80 23.85 25.50
CA ALA D 37 17.23 24.73 24.43
C ALA D 37 16.13 25.69 24.03
N PRO D 38 16.51 26.80 23.40
CA PRO D 38 15.51 27.84 23.13
C PRO D 38 14.32 27.34 22.33
N LEU D 39 14.54 26.43 21.39
CA LEU D 39 13.54 26.02 20.43
C LEU D 39 13.17 24.56 20.60
N ARG D 40 13.54 23.94 21.69
CA ARG D 40 12.93 22.65 21.97
C ARG D 40 11.54 22.94 22.52
N VAL D 41 10.60 23.02 21.63
CA VAL D 41 9.21 23.25 22.00
C VAL D 41 8.38 22.14 21.37
N TYR D 42 7.34 21.70 22.09
CA TYR D 42 6.56 20.52 21.72
C TYR D 42 5.08 20.88 21.65
N VAL D 43 4.48 20.60 20.52
CA VAL D 43 3.13 21.05 20.22
C VAL D 43 2.10 20.20 20.95
N GLU D 44 1.26 20.83 21.74
CA GLU D 44 0.12 20.13 22.32
C GLU D 44 -1.03 20.22 21.30
N GLU D 45 -1.49 21.42 20.99
CA GLU D 45 -2.65 21.47 20.08
C GLU D 45 -2.64 22.73 19.22
N LEU D 46 -3.31 22.62 18.05
CA LEU D 46 -3.62 23.79 17.21
C LEU D 46 -5.11 24.17 17.26
N LYS D 47 -5.39 25.40 17.70
CA LYS D 47 -6.75 25.94 17.77
C LYS D 47 -6.79 27.24 16.97
N PRO D 48 -7.18 27.19 15.69
CA PRO D 48 -7.53 28.42 14.96
C PRO D 48 -8.67 29.22 15.62
N THR D 49 -8.50 30.55 15.67
CA THR D 49 -9.48 31.48 16.23
C THR D 49 -10.43 32.00 15.17
N PRO D 50 -11.52 32.64 15.60
CA PRO D 50 -12.47 33.18 14.63
C PRO D 50 -11.90 34.31 13.80
N GLU D 51 -10.84 34.95 14.27
CA GLU D 51 -10.22 35.98 13.47
C GLU D 51 -9.54 35.45 12.22
N GLY D 52 -9.27 34.15 12.14
CA GLY D 52 -8.47 33.64 11.05
C GLY D 52 -7.00 33.45 11.40
N ASP D 53 -6.61 33.85 12.60
CA ASP D 53 -5.30 33.55 13.11
C ASP D 53 -5.22 32.04 13.45
N LEU D 54 -4.10 31.60 14.02
CA LEU D 54 -4.02 30.24 14.53
C LEU D 54 -3.33 30.27 15.88
N GLU D 55 -4.01 29.82 16.92
CA GLU D 55 -3.40 29.63 18.22
C GLU D 55 -2.69 28.29 18.25
N ILE D 56 -1.46 28.31 18.75
CA ILE D 56 -0.58 27.17 18.93
C ILE D 56 -0.48 26.94 20.43
N LEU D 57 -0.52 25.68 20.86
CA LEU D 57 -0.31 25.35 22.27
C LEU D 57 0.82 24.32 22.45
N LEU D 58 1.76 24.60 23.34
CA LEU D 58 3.00 23.85 23.33
C LEU D 58 3.59 23.76 24.72
N GLN D 59 4.51 22.78 24.87
CA GLN D 59 5.26 22.51 26.08
C GLN D 59 6.73 22.84 25.84
N LYS D 60 7.44 23.09 26.94
CA LYS D 60 8.82 23.50 26.86
C LYS D 60 9.46 23.34 28.22
N TRP D 61 10.68 22.78 28.25
CA TRP D 61 11.43 22.63 29.48
C TRP D 61 12.02 23.99 29.85
N GLU D 62 11.59 24.57 30.97
CA GLU D 62 11.94 25.95 31.27
C GLU D 62 12.80 26.04 32.51
N ASN D 63 12.26 26.49 33.62
CA ASN D 63 13.05 26.52 34.86
C ASN D 63 12.86 25.19 35.60
N ASP D 64 13.25 24.12 34.92
CA ASP D 64 13.31 22.77 35.47
C ASP D 64 11.91 22.18 35.73
N GLU D 65 10.88 22.66 35.03
CA GLU D 65 9.59 21.97 35.02
C GLU D 65 9.18 21.77 33.57
N CYS D 66 8.14 20.96 33.36
CA CYS D 66 7.54 20.83 32.05
C CYS D 66 6.37 21.78 32.06
N ALA D 67 6.43 22.78 31.20
CA ALA D 67 5.63 23.98 31.31
C ALA D 67 4.93 24.31 29.99
N GLN D 68 3.63 24.54 30.05
CA GLN D 68 2.85 24.88 28.88
C GLN D 68 2.99 26.37 28.55
N LYS D 69 2.95 26.69 27.26
CA LYS D 69 3.18 28.05 26.77
C LYS D 69 2.11 28.37 25.72
N LYS D 70 1.05 29.05 26.13
CA LYS D 70 0.04 29.47 25.15
C LYS D 70 0.69 30.46 24.17
N ILE D 71 0.49 30.23 22.88
CA ILE D 71 1.20 31.02 21.86
C ILE D 71 0.37 31.15 20.58
N ILE D 72 0.09 32.40 20.15
CA ILE D 72 -0.73 32.67 18.95
C ILE D 72 0.12 33.38 17.91
N ALA D 73 -0.18 33.10 16.64
CA ALA D 73 0.62 33.58 15.51
C ALA D 73 -0.29 34.14 14.44
N GLU D 74 -0.16 35.45 14.20
CA GLU D 74 -1.19 36.29 13.59
C GLU D 74 -1.11 36.29 12.07
N LYS D 75 -2.19 35.87 11.41
CA LYS D 75 -2.26 35.60 9.97
C LYS D 75 -1.61 36.68 9.10
N THR D 76 -1.55 36.44 7.80
CA THR D 76 -0.91 37.34 6.85
C THR D 76 -1.46 37.06 5.46
N LYS D 77 -0.93 37.75 4.46
CA LYS D 77 -1.48 37.68 3.11
C LYS D 77 -1.23 36.30 2.53
N ILE D 78 0.03 36.00 2.20
CA ILE D 78 0.35 34.70 1.63
C ILE D 78 -0.28 33.69 2.57
N PRO D 79 -1.00 32.70 2.06
CA PRO D 79 -1.83 31.87 2.96
C PRO D 79 -1.05 31.07 4.01
N ALA D 80 0.15 30.58 3.69
CA ALA D 80 0.85 29.63 4.53
C ALA D 80 1.79 30.27 5.54
N VAL D 81 1.80 31.59 5.67
CA VAL D 81 2.77 32.25 6.55
C VAL D 81 2.04 33.04 7.61
N PHE D 82 2.63 33.05 8.79
CA PHE D 82 2.03 33.69 9.94
C PHE D 82 3.13 34.40 10.69
N LYS D 83 2.73 35.48 11.35
CA LYS D 83 3.61 36.33 12.12
C LYS D 83 3.36 36.07 13.59
N ILE D 84 4.43 35.89 14.36
CA ILE D 84 4.33 35.65 15.80
C ILE D 84 5.35 36.52 16.52
N ASP D 85 5.00 36.95 17.73
CA ASP D 85 5.72 38.00 18.43
C ASP D 85 6.36 37.44 19.70
N ALA D 86 6.89 38.37 20.51
CA ALA D 86 7.62 38.11 21.75
C ALA D 86 8.99 38.79 21.68
N LEU D 87 10.04 38.10 21.20
CA LEU D 87 11.39 38.64 21.37
C LEU D 87 12.30 38.30 20.17
N ASN D 88 11.72 38.19 18.98
CA ASN D 88 12.25 38.62 17.68
C ASN D 88 11.01 38.70 16.77
N GLU D 89 11.13 39.38 15.61
CA GLU D 89 9.94 39.50 14.73
C GLU D 89 9.87 38.24 13.85
N ASN D 90 9.04 37.31 14.29
CA ASN D 90 9.16 35.94 13.85
C ASN D 90 8.27 35.62 12.64
N LYS D 91 8.43 34.40 12.15
CA LYS D 91 7.69 33.87 11.02
C LYS D 91 7.48 32.39 11.29
N VAL D 92 6.27 31.89 11.06
CA VAL D 92 6.03 30.45 11.02
C VAL D 92 5.58 30.13 9.63
N LEU D 93 6.29 29.23 8.98
CA LEU D 93 6.00 28.81 7.62
C LEU D 93 5.42 27.40 7.62
N VAL D 94 4.37 27.19 6.82
CA VAL D 94 3.77 25.89 6.55
C VAL D 94 4.19 25.41 5.18
N LEU D 95 4.84 24.24 5.18
CA LEU D 95 5.50 23.69 4.00
C LEU D 95 4.59 22.76 3.25
N ASP D 96 3.77 22.05 4.01
CA ASP D 96 2.96 20.99 3.47
C ASP D 96 2.25 20.29 4.61
N THR D 97 1.01 19.92 4.37
CA THR D 97 0.26 19.03 5.24
C THR D 97 -0.74 18.35 4.36
N ASP D 98 -1.22 17.21 4.83
CA ASP D 98 -2.43 16.67 4.26
C ASP D 98 -3.58 16.83 5.23
N TYR D 99 -3.36 17.60 6.30
CA TYR D 99 -4.36 17.89 7.34
C TYR D 99 -4.67 16.73 8.28
N LYS D 100 -4.72 15.49 7.81
CA LYS D 100 -5.18 14.45 8.71
C LYS D 100 -4.24 13.24 8.77
N LYS D 101 -2.99 13.41 8.33
CA LYS D 101 -1.90 12.54 8.77
C LYS D 101 -0.83 13.39 9.42
N TYR D 102 -0.13 14.23 8.65
CA TYR D 102 1.05 14.99 9.02
C TYR D 102 0.81 16.49 8.86
N LEU D 103 1.85 17.28 9.27
CA LEU D 103 1.94 18.71 8.97
C LEU D 103 3.34 19.24 9.26
N LEU D 104 3.96 19.86 8.27
CA LEU D 104 5.32 20.35 8.37
C LEU D 104 5.36 21.86 8.45
N PHE D 105 6.00 22.38 9.50
CA PHE D 105 6.14 23.83 9.62
C PHE D 105 7.54 24.27 10.05
N CYS D 106 7.96 25.41 9.51
CA CYS D 106 9.25 26.01 9.88
C CYS D 106 9.05 27.39 10.51
N MET D 107 10.20 28.01 10.72
CA MET D 107 10.32 29.23 11.50
C MET D 107 11.67 29.84 11.10
N GLU D 108 11.66 30.82 10.17
CA GLU D 108 12.86 31.37 9.47
C GLU D 108 13.01 32.88 9.74
N ASN D 109 13.45 33.22 10.95
CA ASN D 109 13.41 34.61 11.39
C ASN D 109 14.04 35.51 10.34
N SER D 110 13.27 36.51 9.92
CA SER D 110 13.68 37.40 8.83
C SER D 110 15.03 38.05 9.11
N ALA D 111 15.32 38.32 10.39
CA ALA D 111 16.58 38.93 10.80
C ALA D 111 17.75 37.98 10.63
N GLU D 112 17.51 36.67 10.68
CA GLU D 112 18.53 35.65 10.78
C GLU D 112 18.09 34.36 10.12
N PRO D 113 18.70 33.89 9.07
CA PRO D 113 18.27 32.58 8.53
C PRO D 113 19.12 31.47 9.10
N GLU D 114 20.30 31.32 8.51
CA GLU D 114 21.32 30.42 9.02
C GLU D 114 21.59 30.74 10.48
N GLN D 115 20.62 30.54 11.35
CA GLN D 115 20.82 30.73 12.78
C GLN D 115 19.47 30.78 13.46
N SER D 116 18.45 30.68 12.69
CA SER D 116 17.12 30.83 13.25
C SER D 116 16.20 29.74 12.79
N LEU D 117 16.32 29.32 11.54
CA LEU D 117 15.40 28.40 10.93
C LEU D 117 15.25 27.13 11.76
N VAL D 118 14.00 26.83 12.11
CA VAL D 118 13.72 25.58 12.77
C VAL D 118 12.45 25.02 12.18
N CYS D 119 12.41 23.70 12.11
CA CYS D 119 11.36 23.07 11.38
C CYS D 119 10.95 21.88 12.20
N GLN D 120 9.72 21.44 11.97
CA GLN D 120 9.12 20.35 12.70
C GLN D 120 8.22 19.54 11.78
N CYS D 121 8.13 18.26 12.09
CA CYS D 121 7.19 17.35 11.48
C CYS D 121 6.24 16.87 12.55
N LEU D 122 5.01 17.35 12.45
CA LEU D 122 3.97 17.06 13.44
C LEU D 122 3.16 15.85 13.00
N VAL D 123 2.64 15.11 13.97
CA VAL D 123 1.74 13.99 13.64
C VAL D 123 0.43 14.04 14.42
N ARG D 124 -0.63 13.49 13.82
CA ARG D 124 -1.93 13.43 14.53
C ARG D 124 -2.00 12.38 15.65
N THR D 125 -1.19 11.31 15.63
CA THR D 125 -1.37 10.29 16.65
C THR D 125 -0.07 9.81 17.23
N PRO D 126 -0.03 9.55 18.56
CA PRO D 126 1.26 9.22 19.18
C PRO D 126 1.89 7.96 18.65
N GLU D 127 2.20 7.98 17.34
CA GLU D 127 2.84 6.89 16.62
C GLU D 127 3.56 7.45 15.41
N VAL D 128 4.52 6.69 14.91
CA VAL D 128 5.53 7.15 13.95
C VAL D 128 5.05 6.94 12.51
N ASP D 129 4.99 8.03 11.73
CA ASP D 129 4.81 7.95 10.27
C ASP D 129 6.10 8.25 9.54
N ASP D 130 6.72 7.20 9.01
CA ASP D 130 7.96 7.34 8.26
C ASP D 130 7.77 8.31 7.11
N GLU D 131 6.74 8.08 6.31
CA GLU D 131 6.62 8.83 5.07
C GLU D 131 6.50 10.32 5.33
N ALA D 132 5.86 10.68 6.44
CA ALA D 132 5.86 12.06 6.89
C ALA D 132 7.27 12.46 7.21
N LEU D 133 7.97 11.58 7.90
CA LEU D 133 9.35 11.86 8.15
C LEU D 133 10.11 11.89 6.85
N GLU D 134 9.67 11.15 5.86
CA GLU D 134 10.38 11.21 4.59
C GLU D 134 10.17 12.57 3.95
N LYS D 135 8.90 12.95 3.77
CA LYS D 135 8.57 14.25 3.21
C LYS D 135 9.26 15.35 4.02
N PHE D 136 9.17 15.25 5.34
CA PHE D 136 9.99 16.11 6.20
C PHE D 136 11.45 16.07 5.79
N ASP D 137 12.00 14.86 5.72
CA ASP D 137 13.41 14.70 5.42
C ASP D 137 13.75 15.19 4.03
N LYS D 138 12.87 14.96 3.06
CA LYS D 138 13.20 15.43 1.74
C LYS D 138 13.12 16.95 1.71
N ALA D 139 12.22 17.51 2.51
CA ALA D 139 12.01 18.95 2.52
C ALA D 139 13.27 19.72 2.88
N LEU D 140 14.16 19.13 3.64
CA LEU D 140 15.20 19.92 4.27
C LEU D 140 16.47 20.02 3.47
N LYS D 141 16.61 19.25 2.38
CA LYS D 141 17.90 19.18 1.71
C LYS D 141 18.32 20.53 1.15
N ALA D 142 17.37 21.33 0.70
CA ALA D 142 17.65 22.69 0.30
C ALA D 142 17.80 23.62 1.49
N LEU D 143 17.65 23.11 2.72
CA LEU D 143 17.69 23.96 3.89
C LEU D 143 18.88 23.58 4.78
N PRO D 144 19.54 24.58 5.45
CA PRO D 144 20.84 24.32 6.11
C PRO D 144 20.71 23.80 7.53
N MET D 145 20.25 22.58 7.71
CA MET D 145 20.07 22.07 9.07
C MET D 145 21.32 21.32 9.51
N HIS D 146 21.68 21.51 10.78
CA HIS D 146 22.83 20.86 11.37
C HIS D 146 22.50 19.97 12.56
N ILE D 147 21.24 20.00 13.06
CA ILE D 147 20.77 19.06 14.06
C ILE D 147 19.41 18.54 13.64
N ARG D 148 19.11 17.35 14.11
CA ARG D 148 17.85 16.69 13.75
C ARG D 148 17.59 15.67 14.84
N LEU D 149 16.46 15.78 15.51
CA LEU D 149 16.12 14.77 16.49
C LEU D 149 14.83 14.09 16.09
N SER D 150 14.69 12.84 16.59
CA SER D 150 13.49 12.03 16.47
C SER D 150 13.17 11.32 17.78
N PHE D 151 11.86 11.24 18.06
CA PHE D 151 11.32 10.75 19.33
C PHE D 151 10.39 9.60 19.12
N ASN D 152 10.42 8.65 20.02
CA ASN D 152 9.57 7.47 19.84
C ASN D 152 8.19 7.60 20.50
N PRO D 153 7.24 6.73 20.12
CA PRO D 153 5.85 6.92 20.60
C PRO D 153 5.73 7.02 22.10
N THR D 154 6.56 6.33 22.87
CA THR D 154 6.41 6.46 24.30
C THR D 154 6.61 7.90 24.75
N GLN D 155 7.71 8.54 24.33
CA GLN D 155 8.04 9.90 24.72
C GLN D 155 7.11 10.91 24.07
N LEU D 156 6.49 10.54 22.96
CA LEU D 156 5.38 11.32 22.44
C LEU D 156 4.23 11.40 23.46
N GLU D 157 4.00 10.36 24.24
CA GLU D 157 2.88 10.31 25.17
C GLU D 157 3.22 10.86 26.54
N GLU D 158 4.30 11.63 26.71
CA GLU D 158 4.59 12.10 28.06
C GLU D 158 5.13 13.53 28.10
N GLN D 159 5.15 14.06 29.32
CA GLN D 159 5.45 15.46 29.55
C GLN D 159 6.86 15.78 29.10
N CYS D 160 6.97 16.56 28.03
CA CYS D 160 8.25 17.07 27.57
C CYS D 160 9.10 15.95 26.95
N HIS D 161 8.44 14.98 26.32
CA HIS D 161 9.16 13.94 25.59
C HIS D 161 10.10 13.22 26.53
N ILE D 162 9.61 13.04 27.75
CA ILE D 162 10.08 12.10 28.79
C ILE D 162 10.20 12.89 30.07
#